data_8CB1
#
_entry.id   8CB1
#
_cell.length_a   96.750
_cell.length_b   102.604
_cell.length_c   129.179
_cell.angle_alpha   90.00
_cell.angle_beta   90.00
_cell.angle_gamma   90.00
#
_symmetry.space_group_name_H-M   'P 21 21 21'
#
loop_
_entity.id
_entity.type
_entity.pdbx_description
1 polymer 'Lysosomal alpha-glucosidase (76 kDa)'
2 polymer 'Lysosomal alpha-glucosidase (70 kDa)'
3 branched beta-D-mannopyranose-(1-4)-2-acetamido-2-deoxy-beta-D-glucopyranose-(1-4)-[alpha-L-fucopyranose-(1-6)]2-acetamido-2-deoxy-beta-D-glucopyranose
4 branched 2-acetamido-2-deoxy-beta-D-glucopyranose-(1-4)-2-acetamido-2-deoxy-beta-D-glucopyranose
5 branched beta-D-mannopyranose-(1-4)-2-acetamido-2-deoxy-beta-D-glucopyranose-(1-4)-2-acetamido-2-deoxy-beta-D-glucopyranose
6 branched 2-acetamido-2-deoxy-beta-D-glucopyranose-(1-4)-[alpha-L-fucopyranose-(1-6)]2-acetamido-2-deoxy-beta-D-glucopyranose
7 non-polymer 'CHLORIDE ION'
8 non-polymer GLYCEROL
9 non-polymer 'TRIETHYLENE GLYCOL'
10 non-polymer 1,2-ETHANEDIOL
11 non-polymer (2R,3R,4R,5S)-2-(hydroxymethyl)-1-[5-(phenanthren-9-ylmethoxy)pentyl]piperidine-3,4,5-triol
12 non-polymer 'SULFATE ION'
13 water water
#
loop_
_entity_poly.entity_id
_entity_poly.type
_entity_poly.pdbx_seq_one_letter_code
_entity_poly.pdbx_strand_id
1 'polypeptide(L)'
;QCDVPPNSRFDCAPDKAITQEQCEARGCCYIPAKQGLQGAQMGQPWCFFPPSYPSYKLENLSSSEMGYTATLTRTTPTFF
PKDILTLRLDVMMETENRLHFTIKDPANRRYEVPLETPRVHSR
;
G
2 'polypeptide(L)'
;APSPLYSVEFSEEPFGVIVHRQLDGRVLLNTTVAPLFFADQFLQLSTSLPSQYITGLAEHLSPLMLSTSWTRITLWNRDL
APTPGANLYGSHPFYLALEDGGSAHGVFLLNSNAMDVVLQPSPALSWRSTGGILDVYIFLGPEPKSVVQQYLDVVGYPFM
PPYWGLGFHLCRWGYSSTAITRQVVENMTRAHFPLDVQWNDLDYMDSRRDFTFNKDGFRDFPAMVQELHQGGRRYMMIVD
PAISSSGPAGSYRPYDEGLRRGVFITNETGQPLIGKVWPGSTAFPDFTNPTALAWWEDMVAEFHDQVPFDGMWIDMNEPS
NFIRGSEDGCPNNELENPPYVPGVVGGTLQAATICASSHQFLSTHYNLHNLYGLTEAIASHRALVKARGTRPFVISRSTF
AGHGRYAGHWTGDVWSSWEQLASSVPEILQFNLLGVPLVGADVCGFLGNTSEELCVRWTQLGAFYPFMRNHNSLLSLPQE
PYSFSEPAQQAMRKALTLRYALLPHLYTLFHQAHVAGETVARPLFLEFPKDSSTWTVDHQLLWGEALLITPVLQAGKAEV
TGYFPLGTWYDLQTVPIEALGSLPPPPAAPREPAIHSEGQWVTLPAPLDTINVHLRAGYIIPLQGPGLTTTESRQQPMAL
AVALTKGGEARGELFWDDGESLEVLERGAYTQVIFLARNNTIVNELVRVTSEGAGLQLQKVTVLGVATAPQQVLSNGVPV
SNFTYSPDTKVLDI(CSO)VSLLMGEQFLVSWC
;
A
#
# COMPACT_ATOMS: atom_id res chain seq x y z
N GLN A 1 10.76 -39.83 -19.38
CA GLN A 1 11.41 -38.95 -18.35
C GLN A 1 11.34 -37.48 -18.79
N CYS A 2 11.39 -37.18 -20.09
CA CYS A 2 11.39 -35.78 -20.60
C CYS A 2 10.05 -35.38 -21.19
N ASP A 3 9.05 -36.26 -21.04
CA ASP A 3 7.67 -36.06 -21.56
C ASP A 3 6.91 -35.20 -20.54
N VAL A 4 7.25 -33.92 -20.51
CA VAL A 4 6.62 -32.96 -19.56
C VAL A 4 5.84 -31.95 -20.40
N PRO A 5 4.56 -31.69 -20.07
CA PRO A 5 3.75 -30.71 -20.79
C PRO A 5 4.47 -29.37 -20.81
N PRO A 6 4.44 -28.64 -21.94
CA PRO A 6 5.21 -27.40 -22.05
C PRO A 6 4.98 -26.42 -20.88
N ASN A 7 3.74 -26.25 -20.45
CA ASN A 7 3.40 -25.24 -19.40
C ASN A 7 3.92 -25.68 -18.02
N SER A 8 4.29 -26.96 -17.85
CA SER A 8 4.75 -27.55 -16.57
C SER A 8 6.26 -27.71 -16.56
N ARG A 9 6.97 -27.14 -17.52
CA ARG A 9 8.45 -27.27 -17.57
C ARG A 9 9.04 -26.19 -16.67
N PHE A 10 9.86 -26.60 -15.72
CA PHE A 10 10.57 -25.65 -14.84
C PHE A 10 12.01 -25.51 -15.34
N ASP A 11 12.47 -24.27 -15.38
CA ASP A 11 13.75 -23.88 -16.02
C ASP A 11 14.94 -24.49 -15.27
N CYS A 12 15.73 -25.30 -15.97
CA CYS A 12 16.99 -25.92 -15.46
C CYS A 12 18.19 -25.03 -15.83
N ALA A 13 17.98 -23.95 -16.57
CA ALA A 13 19.08 -23.00 -16.89
C ALA A 13 18.63 -21.58 -16.60
N PRO A 14 18.18 -21.27 -15.36
CA PRO A 14 17.77 -19.90 -15.03
C PRO A 14 18.98 -18.98 -14.97
N ASP A 15 20.17 -19.56 -14.85
CA ASP A 15 21.40 -18.81 -14.52
C ASP A 15 22.14 -18.31 -15.77
N LYS A 16 22.02 -18.97 -16.92
CA LYS A 16 22.82 -18.60 -18.12
C LYS A 16 22.20 -19.20 -19.39
N ALA A 17 22.61 -18.66 -20.54
CA ALA A 17 22.36 -19.25 -21.87
C ALA A 17 23.04 -20.62 -21.88
N ILE A 18 22.34 -21.64 -22.33
CA ILE A 18 22.83 -23.04 -22.25
C ILE A 18 22.64 -23.73 -23.61
N THR A 19 23.53 -24.65 -23.96
CA THR A 19 23.43 -25.52 -25.16
C THR A 19 22.71 -26.81 -24.78
N GLN A 20 22.21 -27.56 -25.75
CA GLN A 20 21.63 -28.90 -25.47
C GLN A 20 22.64 -29.72 -24.67
N GLU A 21 23.91 -29.74 -25.08
CA GLU A 21 24.91 -30.66 -24.45
C GLU A 21 25.08 -30.29 -22.97
N GLN A 22 25.21 -29.00 -22.66
CA GLN A 22 25.36 -28.49 -21.27
C GLN A 22 24.10 -28.84 -20.45
N CYS A 23 22.92 -28.64 -21.04
CA CYS A 23 21.62 -28.94 -20.42
C CYS A 23 21.56 -30.43 -20.07
N GLU A 24 21.88 -31.32 -21.00
CA GLU A 24 21.80 -32.78 -20.74
C GLU A 24 22.88 -33.19 -19.71
N ALA A 25 24.01 -32.50 -19.71
CA ALA A 25 25.14 -32.75 -18.78
C ALA A 25 24.72 -32.35 -17.35
N ARG A 26 23.74 -31.46 -17.18
CA ARG A 26 23.22 -31.05 -15.85
C ARG A 26 22.23 -32.06 -15.33
N GLY A 27 21.86 -33.02 -16.17
CA GLY A 27 20.81 -34.01 -15.91
C GLY A 27 19.44 -33.43 -16.24
N CYS A 28 19.38 -32.49 -17.17
CA CYS A 28 18.08 -31.89 -17.60
C CYS A 28 17.69 -32.26 -19.03
N CYS A 29 16.46 -31.91 -19.36
CA CYS A 29 15.76 -32.22 -20.62
C CYS A 29 15.86 -31.02 -21.54
N TYR A 30 16.18 -31.24 -22.82
CA TYR A 30 16.34 -30.13 -23.79
C TYR A 30 15.30 -30.32 -24.90
N ILE A 31 14.28 -29.47 -24.94
CA ILE A 31 13.18 -29.56 -25.94
C ILE A 31 12.89 -28.12 -26.34
N PRO A 32 13.31 -27.67 -27.54
CA PRO A 32 13.02 -26.32 -27.98
C PRO A 32 11.51 -26.02 -27.95
N ALA A 33 11.14 -24.81 -27.55
CA ALA A 33 9.75 -24.28 -27.71
C ALA A 33 9.44 -24.28 -29.21
N LYS A 34 8.18 -24.44 -29.60
CA LYS A 34 7.78 -24.45 -31.03
C LYS A 34 7.62 -23.03 -31.57
N GLN A 35 7.71 -22.02 -30.70
CA GLN A 35 7.58 -20.60 -31.07
C GLN A 35 8.35 -19.76 -30.05
N GLY A 43 10.02 -16.73 -21.75
CA GLY A 43 9.17 -17.74 -22.40
C GLY A 43 9.35 -19.10 -21.75
N GLN A 44 8.74 -20.12 -22.33
CA GLN A 44 8.87 -21.52 -21.91
C GLN A 44 10.35 -21.90 -21.96
N PRO A 45 10.89 -22.56 -20.91
CA PRO A 45 12.31 -22.92 -20.88
C PRO A 45 12.58 -24.09 -21.83
N TRP A 46 13.67 -23.99 -22.60
CA TRP A 46 14.11 -25.08 -23.51
C TRP A 46 14.80 -26.19 -22.71
N CYS A 47 15.45 -25.80 -21.62
CA CYS A 47 16.18 -26.71 -20.71
C CYS A 47 15.39 -26.82 -19.39
N PHE A 48 14.86 -27.99 -19.07
CA PHE A 48 13.95 -28.09 -17.90
C PHE A 48 14.23 -29.38 -17.13
N PHE A 49 13.79 -29.39 -15.88
CA PHE A 49 14.03 -30.53 -14.97
C PHE A 49 13.15 -31.70 -15.36
N PRO A 50 13.71 -32.91 -15.50
CA PRO A 50 12.87 -34.10 -15.51
C PRO A 50 12.31 -34.32 -14.11
N PRO A 51 11.25 -35.12 -13.98
CA PRO A 51 10.69 -35.44 -12.67
C PRO A 51 11.71 -36.15 -11.76
N SER A 52 12.75 -36.75 -12.33
CA SER A 52 13.82 -37.50 -11.62
C SER A 52 14.96 -36.56 -11.21
N TYR A 53 14.92 -35.27 -11.53
CA TYR A 53 16.05 -34.36 -11.21
C TYR A 53 16.29 -34.40 -9.70
N PRO A 54 17.56 -34.51 -9.24
CA PRO A 54 17.86 -34.61 -7.81
C PRO A 54 17.36 -33.40 -7.01
N SER A 55 16.62 -33.67 -5.94
CA SER A 55 16.12 -32.63 -5.02
C SER A 55 16.70 -32.96 -3.64
N TYR A 56 15.92 -32.68 -2.61
CA TYR A 56 16.23 -33.10 -1.23
C TYR A 56 15.30 -34.28 -0.92
N LYS A 57 15.76 -35.13 0.00
CA LYS A 57 14.94 -36.24 0.56
C LYS A 57 14.56 -35.87 1.98
N LEU A 58 13.30 -36.13 2.34
CA LEU A 58 12.79 -35.97 3.72
C LEU A 58 13.26 -37.16 4.56
N GLU A 59 13.83 -36.89 5.71
CA GLU A 59 14.29 -37.94 6.67
C GLU A 59 13.90 -37.56 8.09
N ASN A 60 13.56 -38.55 8.91
CA ASN A 60 13.33 -38.36 10.34
C ASN A 60 12.22 -37.33 10.60
N LEU A 61 11.16 -37.36 9.80
CA LEU A 61 9.96 -36.57 10.13
C LEU A 61 9.48 -36.95 11.51
N SER A 62 9.31 -35.96 12.35
CA SER A 62 8.86 -36.18 13.75
CA SER A 62 8.93 -36.11 13.78
C SER A 62 7.80 -35.16 14.12
N SER A 63 6.92 -35.57 15.04
CA SER A 63 5.79 -34.74 15.52
C SER A 63 6.21 -34.01 16.79
N SER A 64 5.90 -32.72 16.85
CA SER A 64 6.03 -31.82 18.03
C SER A 64 4.64 -31.31 18.45
N GLU A 65 4.49 -30.67 19.61
CA GLU A 65 3.20 -30.04 20.00
C GLU A 65 2.82 -28.95 18.98
N MET A 66 3.80 -28.29 18.36
CA MET A 66 3.52 -27.18 17.39
C MET A 66 3.21 -27.73 15.98
N GLY A 67 3.79 -28.86 15.60
CA GLY A 67 3.61 -29.44 14.27
C GLY A 67 4.66 -30.48 13.98
N TYR A 68 5.66 -30.17 13.16
CA TYR A 68 6.58 -31.21 12.65
C TYR A 68 7.99 -30.63 12.52
N THR A 69 8.92 -31.53 12.54
CA THR A 69 10.34 -31.24 12.25
C THR A 69 10.89 -32.37 11.39
N ALA A 70 11.87 -32.06 10.55
CA ALA A 70 12.48 -33.08 9.70
C ALA A 70 13.86 -32.61 9.27
N THR A 71 14.62 -33.56 8.78
CA THR A 71 15.90 -33.31 8.08
C THR A 71 15.64 -33.43 6.58
N LEU A 72 16.26 -32.54 5.80
CA LEU A 72 16.21 -32.64 4.33
C LEU A 72 17.64 -32.84 3.87
N THR A 73 17.87 -33.80 2.99
CA THR A 73 19.24 -34.15 2.55
C THR A 73 19.31 -34.15 1.04
N ARG A 74 20.26 -33.40 0.50
CA ARG A 74 20.58 -33.45 -0.93
C ARG A 74 21.85 -34.30 -1.09
N THR A 75 21.82 -35.27 -2.01
CA THR A 75 22.99 -36.16 -2.24
C THR A 75 23.72 -35.78 -3.55
N THR A 76 23.06 -35.20 -4.55
CA THR A 76 23.71 -34.77 -5.82
C THR A 76 23.75 -33.24 -5.84
N PRO A 77 24.93 -32.62 -5.99
CA PRO A 77 24.99 -31.15 -6.03
C PRO A 77 24.16 -30.59 -7.19
N THR A 78 23.74 -29.33 -7.05
CA THR A 78 23.15 -28.58 -8.19
C THR A 78 24.30 -27.91 -8.97
N PHE A 79 23.95 -27.11 -9.97
CA PHE A 79 24.91 -26.35 -10.80
C PHE A 79 25.23 -25.02 -10.11
N PHE A 80 24.65 -24.69 -8.96
CA PHE A 80 25.07 -23.50 -8.18
C PHE A 80 26.20 -23.85 -7.22
N PRO A 81 27.07 -22.89 -6.88
CA PRO A 81 28.07 -23.10 -5.83
C PRO A 81 27.40 -23.20 -4.45
N LYS A 82 28.04 -23.90 -3.52
CA LYS A 82 27.77 -23.87 -2.06
C LYS A 82 26.35 -24.35 -1.74
N ASP A 83 25.88 -25.43 -2.37
CA ASP A 83 24.69 -26.16 -1.90
C ASP A 83 24.84 -26.40 -0.40
N ILE A 84 23.77 -26.20 0.34
CA ILE A 84 23.70 -26.63 1.76
C ILE A 84 23.05 -27.99 1.77
N LEU A 85 23.83 -29.04 1.98
CA LEU A 85 23.36 -30.42 1.65
C LEU A 85 22.44 -30.94 2.75
N THR A 86 22.54 -30.43 3.97
CA THR A 86 21.69 -30.84 5.10
C THR A 86 20.89 -29.63 5.58
N LEU A 87 19.58 -29.73 5.52
CA LEU A 87 18.66 -28.65 5.97
C LEU A 87 17.76 -29.17 7.09
N ARG A 88 17.19 -28.24 7.85
CA ARG A 88 16.17 -28.58 8.87
C ARG A 88 14.85 -27.94 8.46
N LEU A 89 13.79 -28.74 8.48
CA LEU A 89 12.42 -28.29 8.21
C LEU A 89 11.69 -28.17 9.54
N ASP A 90 11.03 -27.04 9.81
CA ASP A 90 10.16 -26.85 10.99
C ASP A 90 8.80 -26.40 10.48
N VAL A 91 7.76 -27.11 10.86
CA VAL A 91 6.37 -26.81 10.45
C VAL A 91 5.58 -26.48 11.71
N MET A 92 4.97 -25.29 11.75
CA MET A 92 4.25 -24.77 12.95
C MET A 92 2.81 -24.49 12.55
N MET A 93 1.91 -25.21 13.17
CA MET A 93 0.46 -25.04 12.97
CA MET A 93 0.45 -25.07 12.99
C MET A 93 -0.03 -23.97 13.94
N GLU A 94 0.15 -22.71 13.58
CA GLU A 94 0.14 -21.57 14.53
C GLU A 94 -1.30 -21.21 14.92
N THR A 95 -2.21 -21.14 13.96
CA THR A 95 -3.65 -20.83 14.23
C THR A 95 -4.48 -21.72 13.32
N GLU A 96 -5.80 -21.65 13.47
CA GLU A 96 -6.68 -22.37 12.50
C GLU A 96 -6.51 -21.84 11.05
N ASN A 97 -6.04 -20.61 10.82
N ASN A 97 -6.04 -20.59 10.86
CA ASN A 97 -5.94 -20.11 9.43
CA ASN A 97 -5.96 -19.93 9.54
C ASN A 97 -4.50 -19.78 9.06
C ASN A 97 -4.51 -19.81 9.07
N ARG A 98 -3.53 -19.95 9.96
CA ARG A 98 -2.12 -19.65 9.65
C ARG A 98 -1.24 -20.88 9.84
N LEU A 99 -0.60 -21.32 8.75
CA LEU A 99 0.41 -22.39 8.76
C LEU A 99 1.76 -21.69 8.49
N HIS A 100 2.79 -22.11 9.18
CA HIS A 100 4.11 -21.45 9.03
C HIS A 100 5.16 -22.56 8.93
N PHE A 101 6.05 -22.51 7.94
CA PHE A 101 7.18 -23.46 7.94
C PHE A 101 8.45 -22.75 7.57
N THR A 102 9.54 -23.26 8.11
CA THR A 102 10.88 -22.72 7.78
C THR A 102 11.76 -23.86 7.30
N ILE A 103 12.69 -23.51 6.43
CA ILE A 103 13.78 -24.41 5.98
C ILE A 103 15.07 -23.63 6.22
N LYS A 104 15.93 -24.20 7.05
CA LYS A 104 17.15 -23.52 7.53
C LYS A 104 18.35 -24.45 7.44
N ASP A 105 19.53 -23.85 7.62
CA ASP A 105 20.77 -24.61 7.80
C ASP A 105 20.99 -24.86 9.29
N PRO A 106 20.90 -26.12 9.77
CA PRO A 106 21.00 -26.39 11.21
C PRO A 106 22.42 -26.15 11.73
N ALA A 107 23.42 -26.08 10.85
CA ALA A 107 24.85 -25.92 11.23
C ALA A 107 25.24 -24.45 11.27
N ASN A 108 24.47 -23.55 10.69
CA ASN A 108 24.87 -22.11 10.64
C ASN A 108 23.65 -21.22 10.75
N ARG A 109 23.72 -20.24 11.63
CA ARG A 109 22.73 -19.14 11.67
C ARG A 109 22.90 -18.43 10.32
N ARG A 110 21.82 -18.28 9.58
CA ARG A 110 21.80 -17.52 8.30
C ARG A 110 21.00 -16.26 8.56
N TYR A 111 21.14 -15.29 7.67
CA TYR A 111 20.43 -14.01 7.78
C TYR A 111 18.92 -14.28 7.80
N GLU A 112 18.24 -13.64 8.74
CA GLU A 112 16.77 -13.64 8.84
C GLU A 112 16.24 -12.23 8.98
N VAL A 113 15.10 -11.98 8.37
CA VAL A 113 14.54 -10.61 8.37
C VAL A 113 14.09 -10.30 9.80
N PRO A 114 14.47 -9.16 10.40
CA PRO A 114 13.91 -8.78 11.71
C PRO A 114 12.37 -8.59 11.65
N LEU A 115 11.60 -9.34 12.45
CA LEU A 115 10.11 -9.32 12.53
C LEU A 115 9.64 -9.63 13.96
N GLU A 116 8.67 -8.87 14.46
CA GLU A 116 8.15 -8.95 15.87
C GLU A 116 7.16 -10.12 16.02
N ALA B 1 -16.71 -27.03 13.97
CA ALA B 1 -15.85 -28.13 14.48
C ALA B 1 -14.44 -27.61 14.66
N PRO B 2 -13.76 -27.85 15.80
CA PRO B 2 -12.41 -27.33 16.04
C PRO B 2 -11.38 -28.11 15.20
N SER B 3 -10.77 -27.44 14.23
CA SER B 3 -9.72 -28.02 13.34
C SER B 3 -9.22 -26.87 12.49
N PRO B 4 -7.95 -26.91 12.06
CA PRO B 4 -7.46 -25.89 11.13
C PRO B 4 -8.18 -25.95 9.79
N LEU B 5 -8.10 -24.87 9.03
CA LEU B 5 -8.67 -24.79 7.67
C LEU B 5 -7.79 -25.55 6.68
N TYR B 6 -6.54 -25.85 7.07
CA TYR B 6 -5.56 -26.49 6.18
C TYR B 6 -5.32 -27.93 6.68
N SER B 7 -4.81 -28.76 5.81
CA SER B 7 -4.13 -30.02 6.20
C SER B 7 -2.78 -30.03 5.49
N VAL B 8 -1.80 -30.67 6.11
CA VAL B 8 -0.44 -30.70 5.52
C VAL B 8 0.02 -32.15 5.38
N GLU B 9 0.66 -32.48 4.26
N GLU B 9 0.67 -32.46 4.26
CA GLU B 9 1.32 -33.79 4.03
CA GLU B 9 1.32 -33.77 3.98
C GLU B 9 2.64 -33.50 3.32
C GLU B 9 2.68 -33.46 3.38
N PHE B 10 3.53 -34.48 3.29
CA PHE B 10 4.89 -34.29 2.76
C PHE B 10 5.17 -35.36 1.73
N SER B 11 5.80 -34.98 0.64
CA SER B 11 6.44 -35.93 -0.29
C SER B 11 7.82 -36.24 0.26
N GLU B 12 8.23 -37.51 0.26
CA GLU B 12 9.52 -37.95 0.85
C GLU B 12 10.66 -37.66 -0.14
N GLU B 13 10.50 -38.06 -1.40
CA GLU B 13 11.59 -38.00 -2.40
C GLU B 13 10.96 -37.98 -3.78
N PRO B 14 10.96 -36.85 -4.52
CA PRO B 14 11.56 -35.59 -4.07
C PRO B 14 10.72 -34.91 -2.97
N PHE B 15 11.39 -34.23 -2.06
CA PHE B 15 10.76 -33.53 -0.93
C PHE B 15 9.77 -32.47 -1.46
N GLY B 16 8.61 -32.40 -0.82
CA GLY B 16 7.61 -31.36 -1.05
C GLY B 16 6.67 -31.20 0.14
N VAL B 17 6.20 -29.98 0.35
CA VAL B 17 5.13 -29.64 1.30
C VAL B 17 3.86 -29.55 0.49
N ILE B 18 2.84 -30.28 0.91
CA ILE B 18 1.53 -30.24 0.24
C ILE B 18 0.51 -29.69 1.24
N VAL B 19 -0.16 -28.59 0.89
CA VAL B 19 -1.20 -27.98 1.77
C VAL B 19 -2.52 -28.06 1.04
N HIS B 20 -3.49 -28.75 1.63
CA HIS B 20 -4.88 -28.79 1.16
C HIS B 20 -5.74 -27.80 1.94
N ARG B 21 -6.76 -27.23 1.29
CA ARG B 21 -7.91 -26.64 2.00
C ARG B 21 -8.78 -27.81 2.49
N GLN B 22 -8.99 -27.91 3.79
CA GLN B 22 -9.69 -29.08 4.40
C GLN B 22 -11.12 -29.13 3.86
N LEU B 23 -11.79 -28.00 3.75
CA LEU B 23 -13.26 -27.99 3.47
C LEU B 23 -13.56 -28.64 2.11
N ASP B 24 -12.77 -28.42 1.06
CA ASP B 24 -13.07 -28.92 -0.33
C ASP B 24 -11.91 -29.77 -0.89
N GLY B 25 -10.86 -30.00 -0.13
CA GLY B 25 -9.71 -30.81 -0.59
C GLY B 25 -8.85 -30.13 -1.67
N ARG B 26 -9.08 -28.85 -1.99
CA ARG B 26 -8.32 -28.15 -3.05
C ARG B 26 -6.85 -28.11 -2.66
N VAL B 27 -5.95 -28.42 -3.59
CA VAL B 27 -4.48 -28.29 -3.38
C VAL B 27 -4.10 -26.82 -3.56
N LEU B 28 -3.58 -26.23 -2.50
CA LEU B 28 -3.20 -24.79 -2.47
C LEU B 28 -1.70 -24.62 -2.70
N LEU B 29 -0.92 -25.37 -1.90
CA LEU B 29 0.56 -25.43 -2.04
C LEU B 29 0.97 -26.87 -2.35
N ASN B 30 1.90 -27.03 -3.27
CA ASN B 30 2.52 -28.33 -3.57
C ASN B 30 3.94 -28.09 -4.04
N THR B 31 4.91 -28.16 -3.14
CA THR B 31 6.30 -27.79 -3.53
C THR B 31 7.01 -28.98 -4.18
N THR B 32 6.34 -30.13 -4.34
CA THR B 32 6.92 -31.30 -5.03
C THR B 32 7.07 -31.01 -6.52
N VAL B 33 6.44 -29.97 -7.06
CA VAL B 33 6.36 -29.74 -8.54
C VAL B 33 7.74 -29.45 -9.14
N ALA B 34 8.71 -29.03 -8.34
CA ALA B 34 10.06 -28.73 -8.87
C ALA B 34 11.06 -28.97 -7.76
N PRO B 35 12.35 -29.12 -8.11
CA PRO B 35 13.36 -29.42 -7.10
C PRO B 35 13.45 -28.28 -6.08
N LEU B 36 13.83 -28.60 -4.86
CA LEU B 36 14.21 -27.57 -3.86
C LEU B 36 15.68 -27.25 -4.10
N PHE B 37 16.01 -25.98 -4.29
CA PHE B 37 17.41 -25.53 -4.34
C PHE B 37 17.66 -24.77 -3.06
N PHE B 38 18.81 -25.00 -2.44
CA PHE B 38 19.16 -24.27 -1.20
C PHE B 38 20.66 -24.18 -1.14
N ALA B 39 21.18 -23.18 -1.80
CA ALA B 39 22.61 -22.83 -1.83
C ALA B 39 22.82 -21.49 -1.15
N ASP B 40 24.06 -21.19 -0.79
CA ASP B 40 24.35 -20.01 0.05
C ASP B 40 23.73 -18.76 -0.57
N GLN B 41 23.78 -18.60 -1.90
CA GLN B 41 23.24 -17.41 -2.58
C GLN B 41 22.19 -17.79 -3.61
N PHE B 42 21.47 -18.90 -3.41
CA PHE B 42 20.39 -19.26 -4.36
C PHE B 42 19.43 -20.20 -3.66
N LEU B 43 18.21 -19.71 -3.40
CA LEU B 43 17.11 -20.52 -2.83
C LEU B 43 16.03 -20.59 -3.89
N GLN B 44 15.47 -21.76 -4.17
CA GLN B 44 14.33 -21.86 -5.09
C GLN B 44 13.34 -22.86 -4.50
N LEU B 45 12.11 -22.39 -4.36
CA LEU B 45 10.96 -23.18 -3.89
C LEU B 45 9.84 -22.91 -4.87
N SER B 46 9.17 -23.95 -5.34
CA SER B 46 8.11 -23.80 -6.36
C SER B 46 6.80 -24.34 -5.78
N THR B 47 5.69 -23.98 -6.39
CA THR B 47 4.41 -24.60 -6.07
C THR B 47 3.50 -24.53 -7.29
N SER B 48 2.56 -25.46 -7.36
CA SER B 48 1.35 -25.24 -8.18
C SER B 48 0.58 -24.05 -7.61
N LEU B 49 -0.20 -23.39 -8.47
CA LEU B 49 -1.18 -22.36 -8.05
C LEU B 49 -2.56 -22.95 -8.30
N PRO B 50 -3.57 -22.55 -7.50
CA PRO B 50 -4.92 -23.13 -7.61
C PRO B 50 -5.68 -22.64 -8.83
N SER B 51 -5.27 -21.54 -9.43
CA SER B 51 -5.96 -20.87 -10.57
C SER B 51 -4.98 -19.96 -11.29
N GLN B 52 -5.43 -19.32 -12.35
CA GLN B 52 -4.61 -18.35 -13.12
C GLN B 52 -4.65 -16.96 -12.46
N TYR B 53 -5.33 -16.81 -11.32
CA TYR B 53 -5.64 -15.50 -10.68
C TYR B 53 -4.79 -15.37 -9.43
N ILE B 54 -3.83 -14.46 -9.52
CA ILE B 54 -2.85 -14.20 -8.44
C ILE B 54 -2.54 -12.70 -8.44
N THR B 55 -2.49 -12.13 -7.24
CA THR B 55 -2.17 -10.69 -7.06
C THR B 55 -1.10 -10.54 -5.97
N GLY B 56 -0.32 -9.47 -6.05
CA GLY B 56 0.65 -9.12 -5.01
C GLY B 56 2.02 -8.84 -5.61
N LEU B 57 3.08 -9.14 -4.86
CA LEU B 57 4.47 -9.11 -5.36
C LEU B 57 4.80 -7.69 -5.85
N ALA B 58 4.42 -6.69 -5.07
CA ALA B 58 4.80 -5.28 -5.36
C ALA B 58 6.32 -5.12 -5.27
N GLU B 59 6.90 -4.06 -5.86
CA GLU B 59 6.20 -2.96 -6.51
C GLU B 59 6.50 -2.98 -8.02
N HIS B 60 5.46 -3.08 -8.83
CA HIS B 60 5.57 -3.17 -10.30
C HIS B 60 4.37 -2.43 -10.90
N LEU B 61 4.55 -1.95 -12.12
CA LEU B 61 3.47 -1.31 -12.90
C LEU B 61 2.83 -2.43 -13.69
N SER B 62 1.69 -2.90 -13.22
CA SER B 62 1.01 -4.03 -13.88
C SER B 62 -0.47 -4.06 -13.51
N PRO B 63 -1.29 -4.84 -14.24
CA PRO B 63 -2.65 -5.13 -13.78
C PRO B 63 -2.65 -5.69 -12.36
N LEU B 64 -3.77 -5.56 -11.65
CA LEU B 64 -3.88 -6.09 -10.29
C LEU B 64 -3.66 -7.61 -10.36
N MET B 65 -4.24 -8.29 -11.35
CA MET B 65 -4.05 -9.74 -11.50
C MET B 65 -2.80 -9.93 -12.35
N LEU B 66 -1.79 -10.62 -11.82
CA LEU B 66 -0.48 -10.74 -12.51
C LEU B 66 -0.59 -11.72 -13.69
N SER B 67 0.20 -11.51 -14.74
CA SER B 67 0.24 -12.48 -15.87
C SER B 67 0.94 -13.78 -15.45
N THR B 68 0.37 -14.95 -15.70
CA THR B 68 1.07 -16.23 -15.51
C THR B 68 1.80 -16.71 -16.78
N SER B 69 1.94 -15.89 -17.82
CA SER B 69 2.50 -16.28 -19.13
C SER B 69 4.01 -16.12 -19.11
N TRP B 70 4.72 -16.89 -18.26
CA TRP B 70 6.19 -16.89 -18.18
C TRP B 70 6.69 -15.51 -17.78
N THR B 71 6.24 -15.04 -16.63
CA THR B 71 6.49 -13.66 -16.15
C THR B 71 7.57 -13.75 -15.09
N ARG B 72 8.60 -12.92 -15.17
CA ARG B 72 9.65 -12.82 -14.15
C ARG B 72 9.45 -11.51 -13.39
N ILE B 73 9.11 -11.58 -12.11
CA ILE B 73 8.84 -10.40 -11.24
C ILE B 73 10.00 -10.23 -10.27
N THR B 74 10.68 -9.10 -10.35
CA THR B 74 11.95 -8.86 -9.64
C THR B 74 11.67 -7.94 -8.45
N LEU B 75 12.12 -8.35 -7.27
CA LEU B 75 12.00 -7.60 -5.99
C LEU B 75 13.41 -7.14 -5.62
N TRP B 76 13.70 -5.89 -5.96
CA TRP B 76 14.99 -5.25 -5.61
C TRP B 76 14.77 -3.73 -5.66
N ASN B 77 14.66 -3.10 -4.51
CA ASN B 77 14.22 -1.71 -4.38
C ASN B 77 15.11 -0.85 -5.26
N ARG B 78 14.47 -0.07 -6.12
CA ARG B 78 15.20 0.65 -7.21
C ARG B 78 14.49 1.95 -7.50
N ASP B 79 15.28 3.00 -7.61
CA ASP B 79 14.81 4.32 -8.07
C ASP B 79 14.68 4.25 -9.58
N LEU B 80 13.46 4.13 -10.07
CA LEU B 80 13.16 4.16 -11.51
C LEU B 80 11.74 4.65 -11.67
N ALA B 81 11.51 5.55 -12.61
CA ALA B 81 10.13 6.01 -12.88
C ALA B 81 9.29 4.80 -13.26
N PRO B 82 8.09 4.64 -12.69
CA PRO B 82 7.27 3.47 -12.97
C PRO B 82 7.10 3.24 -14.48
N THR B 83 7.38 1.99 -14.86
CA THR B 83 7.38 1.47 -16.24
C THR B 83 7.17 -0.03 -16.09
N PRO B 84 6.43 -0.70 -16.99
CA PRO B 84 6.24 -2.15 -16.85
C PRO B 84 7.53 -2.98 -16.96
N GLY B 85 7.53 -4.15 -16.31
CA GLY B 85 8.62 -5.13 -16.46
C GLY B 85 9.83 -4.79 -15.60
N ALA B 86 9.73 -3.81 -14.69
CA ALA B 86 10.91 -3.26 -13.98
C ALA B 86 10.71 -3.38 -12.46
N ASN B 87 11.78 -3.66 -11.73
CA ASN B 87 11.81 -3.60 -10.25
C ASN B 87 11.71 -2.13 -9.85
N LEU B 88 10.69 -1.76 -9.05
CA LEU B 88 10.51 -0.35 -8.67
C LEU B 88 10.91 -0.17 -7.21
N TYR B 89 10.33 0.82 -6.56
CA TYR B 89 10.91 1.37 -5.31
C TYR B 89 10.80 0.38 -4.12
N GLY B 90 9.81 -0.51 -4.14
CA GLY B 90 9.49 -1.38 -3.01
C GLY B 90 9.47 -2.86 -3.38
N SER B 91 9.40 -3.71 -2.36
CA SER B 91 9.43 -5.18 -2.47
C SER B 91 8.48 -5.79 -1.46
N HIS B 92 7.48 -6.53 -1.92
CA HIS B 92 6.51 -7.14 -0.99
C HIS B 92 6.32 -8.59 -1.40
N PRO B 93 7.04 -9.54 -0.78
CA PRO B 93 6.98 -10.94 -1.21
C PRO B 93 5.78 -11.70 -0.63
N PHE B 94 4.62 -11.25 -1.06
CA PHE B 94 3.32 -11.80 -0.64
C PHE B 94 2.45 -11.92 -1.88
N TYR B 95 1.75 -13.03 -2.00
CA TYR B 95 0.67 -13.14 -3.01
C TYR B 95 -0.61 -13.66 -2.38
N LEU B 96 -1.72 -13.30 -3.05
CA LEU B 96 -3.07 -13.79 -2.77
C LEU B 96 -3.56 -14.50 -4.03
N ALA B 97 -3.98 -15.75 -3.89
CA ALA B 97 -4.35 -16.61 -5.01
C ALA B 97 -5.83 -16.91 -4.87
N LEU B 98 -6.59 -16.69 -5.93
CA LEU B 98 -8.03 -16.99 -5.91
C LEU B 98 -8.25 -18.44 -6.33
N GLU B 99 -9.31 -19.02 -5.79
CA GLU B 99 -9.72 -20.42 -6.04
C GLU B 99 -11.11 -20.38 -6.66
N ASP B 100 -11.36 -21.30 -7.58
CA ASP B 100 -12.68 -21.43 -8.25
C ASP B 100 -13.75 -21.46 -7.15
N GLY B 101 -14.79 -20.65 -7.27
CA GLY B 101 -15.86 -20.58 -6.26
C GLY B 101 -15.72 -19.38 -5.35
N GLY B 102 -14.53 -18.78 -5.27
CA GLY B 102 -14.35 -17.47 -4.60
C GLY B 102 -13.64 -17.53 -3.27
N SER B 103 -13.13 -18.69 -2.86
CA SER B 103 -12.20 -18.76 -1.70
C SER B 103 -10.81 -18.31 -2.17
N ALA B 104 -9.93 -18.05 -1.22
CA ALA B 104 -8.58 -17.58 -1.52
C ALA B 104 -7.65 -17.97 -0.39
N HIS B 105 -6.35 -17.95 -0.70
CA HIS B 105 -5.31 -18.10 0.34
C HIS B 105 -4.21 -17.11 0.01
N GLY B 106 -3.31 -16.91 0.96
CA GLY B 106 -2.16 -16.03 0.72
C GLY B 106 -0.90 -16.74 1.13
N VAL B 107 0.21 -16.32 0.55
CA VAL B 107 1.55 -16.87 0.88
C VAL B 107 2.50 -15.69 1.06
N PHE B 108 3.22 -15.67 2.17
CA PHE B 108 4.25 -14.67 2.46
C PHE B 108 5.58 -15.40 2.57
N LEU B 109 6.58 -14.96 1.80
CA LEU B 109 7.96 -15.48 1.97
C LEU B 109 8.73 -14.40 2.72
N LEU B 110 9.05 -14.64 3.98
CA LEU B 110 9.67 -13.58 4.82
C LEU B 110 11.15 -13.61 4.47
N ASN B 111 11.50 -12.94 3.37
CA ASN B 111 12.87 -12.96 2.83
C ASN B 111 13.11 -11.60 2.16
N SER B 112 14.16 -10.89 2.54
CA SER B 112 14.42 -9.51 2.08
C SER B 112 15.56 -9.47 1.08
N ASN B 113 16.05 -10.61 0.59
CA ASN B 113 17.10 -10.64 -0.45
C ASN B 113 16.50 -10.25 -1.80
N ALA B 114 17.37 -9.81 -2.73
CA ALA B 114 17.03 -9.67 -4.16
C ALA B 114 16.39 -10.99 -4.60
N MET B 115 15.24 -10.93 -5.22
CA MET B 115 14.61 -12.18 -5.69
C MET B 115 13.88 -11.97 -7.00
N ASP B 116 13.71 -13.07 -7.71
CA ASP B 116 12.82 -13.18 -8.86
C ASP B 116 11.69 -14.09 -8.41
N VAL B 117 10.50 -13.76 -8.86
CA VAL B 117 9.35 -14.68 -8.73
C VAL B 117 8.86 -14.99 -10.12
N VAL B 118 8.87 -16.25 -10.50
CA VAL B 118 8.57 -16.66 -11.89
C VAL B 118 7.22 -17.36 -11.92
N LEU B 119 6.30 -16.83 -12.71
CA LEU B 119 4.93 -17.38 -12.83
C LEU B 119 4.84 -18.11 -14.18
N GLN B 120 4.25 -19.29 -14.21
CA GLN B 120 4.10 -20.01 -15.49
C GLN B 120 2.68 -20.53 -15.62
N PRO B 121 2.24 -20.83 -16.85
CA PRO B 121 0.82 -21.00 -17.13
C PRO B 121 0.22 -22.34 -16.75
N SER B 122 0.97 -23.24 -16.11
CA SER B 122 0.42 -24.57 -15.74
C SER B 122 -0.84 -24.53 -14.85
N PRO B 123 -1.09 -23.66 -13.83
CA PRO B 123 -0.25 -22.54 -13.40
C PRO B 123 0.62 -22.91 -12.19
N ALA B 124 1.75 -22.21 -12.06
CA ALA B 124 2.74 -22.49 -11.01
C ALA B 124 3.56 -21.23 -10.77
N LEU B 125 4.28 -21.23 -9.64
CA LEU B 125 5.11 -20.07 -9.20
C LEU B 125 6.43 -20.65 -8.68
N SER B 126 7.53 -19.92 -8.88
CA SER B 126 8.84 -20.28 -8.27
C SER B 126 9.35 -19.05 -7.55
N TRP B 127 9.68 -19.19 -6.28
CA TRP B 127 10.42 -18.14 -5.55
C TRP B 127 11.91 -18.41 -5.82
N ARG B 128 12.68 -17.41 -6.25
CA ARG B 128 14.13 -17.55 -6.46
C ARG B 128 14.84 -16.44 -5.70
N SER B 129 15.37 -16.73 -4.52
CA SER B 129 16.02 -15.70 -3.70
C SER B 129 17.54 -15.86 -3.71
N THR B 130 18.25 -14.76 -3.48
CA THR B 130 19.73 -14.72 -3.52
C THR B 130 20.32 -14.86 -2.13
N GLY B 131 19.51 -15.08 -1.10
CA GLY B 131 20.09 -15.33 0.22
C GLY B 131 19.08 -15.69 1.28
N GLY B 132 19.55 -15.67 2.52
CA GLY B 132 18.63 -15.80 3.68
C GLY B 132 18.12 -17.22 3.81
N ILE B 133 16.88 -17.39 4.26
CA ILE B 133 16.29 -18.74 4.48
C ILE B 133 14.91 -18.77 3.84
N LEU B 134 14.30 -19.94 3.84
CA LEU B 134 12.89 -20.03 3.41
C LEU B 134 12.05 -19.95 4.67
N ASP B 135 11.25 -18.90 4.78
CA ASP B 135 10.39 -18.68 5.95
C ASP B 135 9.03 -18.36 5.34
N VAL B 136 8.12 -19.33 5.39
CA VAL B 136 6.90 -19.30 4.55
C VAL B 136 5.66 -19.32 5.46
N TYR B 137 4.75 -18.39 5.22
CA TYR B 137 3.43 -18.37 5.88
C TYR B 137 2.36 -18.60 4.82
N ILE B 138 1.39 -19.45 5.17
CA ILE B 138 0.20 -19.67 4.33
C ILE B 138 -1.01 -19.22 5.16
N PHE B 139 -1.88 -18.40 4.57
CA PHE B 139 -3.08 -17.84 5.22
C PHE B 139 -4.31 -18.40 4.49
N LEU B 140 -5.19 -19.09 5.22
CA LEU B 140 -6.23 -19.92 4.60
C LEU B 140 -7.53 -19.15 4.32
N GLY B 141 -7.65 -17.87 4.67
CA GLY B 141 -8.88 -17.14 4.29
C GLY B 141 -10.06 -17.69 5.10
N PRO B 142 -11.13 -18.22 4.49
CA PRO B 142 -11.26 -18.43 3.04
C PRO B 142 -11.61 -17.21 2.18
N GLU B 143 -12.12 -16.14 2.78
CA GLU B 143 -12.50 -14.91 2.05
C GLU B 143 -11.21 -14.12 1.75
N PRO B 144 -11.08 -13.55 0.54
CA PRO B 144 -9.97 -12.67 0.24
C PRO B 144 -9.73 -11.61 1.34
N LYS B 145 -10.79 -11.02 1.90
CA LYS B 145 -10.61 -9.98 2.96
C LYS B 145 -9.95 -10.61 4.19
N SER B 146 -10.28 -11.87 4.49
CA SER B 146 -9.72 -12.61 5.62
C SER B 146 -8.27 -12.97 5.34
N VAL B 147 -7.95 -13.26 4.09
CA VAL B 147 -6.52 -13.54 3.75
C VAL B 147 -5.70 -12.30 4.09
N VAL B 148 -6.18 -11.15 3.63
CA VAL B 148 -5.41 -9.88 3.86
C VAL B 148 -5.28 -9.66 5.35
N GLN B 149 -6.38 -9.77 6.11
CA GLN B 149 -6.33 -9.56 7.57
C GLN B 149 -5.31 -10.52 8.20
N GLN B 150 -5.33 -11.78 7.80
CA GLN B 150 -4.44 -12.81 8.38
C GLN B 150 -2.97 -12.47 8.08
N TYR B 151 -2.70 -12.00 6.88
CA TYR B 151 -1.33 -11.54 6.50
C TYR B 151 -0.92 -10.35 7.40
N LEU B 152 -1.83 -9.40 7.57
CA LEU B 152 -1.54 -8.20 8.41
C LEU B 152 -1.43 -8.56 9.91
N ASP B 153 -2.03 -9.68 10.33
N ASP B 153 -2.01 -9.68 10.33
CA ASP B 153 -1.80 -10.26 11.69
CA ASP B 153 -1.80 -10.22 11.70
C ASP B 153 -0.31 -10.56 11.89
C ASP B 153 -0.33 -10.58 11.89
N VAL B 154 0.40 -10.89 10.82
CA VAL B 154 1.85 -11.22 10.93
C VAL B 154 2.69 -9.94 10.76
N VAL B 155 2.44 -9.17 9.70
CA VAL B 155 3.35 -8.04 9.35
C VAL B 155 2.93 -6.75 10.06
N GLY B 156 1.71 -6.63 10.55
CA GLY B 156 1.27 -5.44 11.29
C GLY B 156 0.06 -4.79 10.62
N TYR B 157 -0.90 -4.41 11.44
CA TYR B 157 -2.08 -3.67 10.98
C TYR B 157 -1.63 -2.26 10.62
N PRO B 158 -2.26 -1.65 9.62
CA PRO B 158 -1.95 -0.28 9.23
C PRO B 158 -2.02 0.70 10.41
N PHE B 159 -1.11 1.66 10.42
CA PHE B 159 -1.11 2.76 11.41
C PHE B 159 -2.33 3.64 11.19
N MET B 160 -2.76 4.33 12.25
CA MET B 160 -3.92 5.25 12.16
C MET B 160 -3.37 6.62 11.84
N PRO B 161 -3.70 7.21 10.67
CA PRO B 161 -3.20 8.54 10.34
C PRO B 161 -3.93 9.58 11.16
N PRO B 162 -3.35 10.78 11.31
CA PRO B 162 -4.11 11.91 11.82
C PRO B 162 -5.21 12.25 10.81
N TYR B 163 -6.34 12.77 11.29
CA TYR B 163 -7.48 13.15 10.40
C TYR B 163 -7.03 14.14 9.30
N TRP B 164 -6.18 15.11 9.65
CA TRP B 164 -5.73 16.14 8.69
C TRP B 164 -4.95 15.50 7.53
N GLY B 165 -4.33 14.34 7.76
CA GLY B 165 -3.57 13.63 6.73
C GLY B 165 -4.48 13.13 5.60
N LEU B 166 -5.79 13.07 5.86
CA LEU B 166 -6.76 12.66 4.82
C LEU B 166 -7.26 13.87 4.01
N GLY B 167 -6.90 15.08 4.38
CA GLY B 167 -7.21 16.26 3.57
C GLY B 167 -6.35 16.33 2.31
N PHE B 168 -6.52 17.38 1.55
CA PHE B 168 -5.74 17.64 0.32
C PHE B 168 -4.36 18.17 0.69
N HIS B 169 -3.37 17.59 0.03
CA HIS B 169 -1.95 17.97 0.09
C HIS B 169 -1.52 18.56 -1.24
N LEU B 170 -0.72 19.63 -1.22
CA LEU B 170 -0.28 20.30 -2.46
C LEU B 170 1.21 20.58 -2.36
N CYS B 171 1.93 20.18 -3.38
CA CYS B 171 3.40 20.24 -3.42
C CYS B 171 3.86 20.49 -4.86
N ARG B 172 5.05 21.02 -5.03
CA ARG B 172 5.80 20.83 -6.28
C ARG B 172 7.27 20.98 -5.95
N TRP B 173 8.05 20.48 -6.87
CA TRP B 173 9.48 20.78 -6.96
C TRP B 173 9.54 22.13 -7.70
N GLY B 174 10.07 23.17 -7.05
CA GLY B 174 10.16 24.51 -7.65
C GLY B 174 9.45 25.63 -6.92
N TYR B 175 8.77 25.43 -5.78
CA TYR B 175 8.32 26.57 -4.93
C TYR B 175 9.58 27.09 -4.24
N SER B 176 10.21 28.10 -4.83
CA SER B 176 11.62 28.46 -4.52
C SER B 176 11.71 29.53 -3.42
N SER B 177 10.60 29.92 -2.81
CA SER B 177 10.65 30.86 -1.67
C SER B 177 9.46 30.63 -0.76
N THR B 178 9.53 31.16 0.46
CA THR B 178 8.35 31.25 1.38
C THR B 178 7.30 32.16 0.74
N ALA B 179 7.69 33.24 0.08
CA ALA B 179 6.70 34.12 -0.60
C ALA B 179 5.90 33.31 -1.63
N ILE B 180 6.58 32.55 -2.48
CA ILE B 180 5.85 31.76 -3.51
C ILE B 180 5.00 30.70 -2.80
N THR B 181 5.55 30.04 -1.79
CA THR B 181 4.82 28.95 -1.08
C THR B 181 3.54 29.52 -0.44
N ARG B 182 3.63 30.69 0.19
CA ARG B 182 2.46 31.37 0.77
C ARG B 182 1.43 31.70 -0.32
N GLN B 183 1.89 32.10 -1.50
CA GLN B 183 0.97 32.48 -2.61
C GLN B 183 0.18 31.24 -3.07
N VAL B 184 0.73 30.04 -2.86
CA VAL B 184 -0.01 28.80 -3.24
C VAL B 184 -1.23 28.70 -2.35
N VAL B 185 -1.03 28.85 -1.05
CA VAL B 185 -2.14 28.80 -0.07
C VAL B 185 -3.13 29.94 -0.37
N GLU B 186 -2.62 31.14 -0.60
CA GLU B 186 -3.50 32.31 -0.92
C GLU B 186 -4.36 32.01 -2.15
N ASN B 187 -3.73 31.48 -3.20
CA ASN B 187 -4.41 31.22 -4.48
C ASN B 187 -5.42 30.10 -4.31
N MET B 188 -5.11 29.07 -3.52
CA MET B 188 -6.10 27.98 -3.29
C MET B 188 -7.31 28.57 -2.55
N THR B 189 -7.04 29.36 -1.52
CA THR B 189 -8.08 29.93 -0.62
C THR B 189 -8.98 30.87 -1.41
N ARG B 190 -8.41 31.81 -2.18
CA ARG B 190 -9.17 32.78 -3.01
CA ARG B 190 -9.17 32.78 -3.02
C ARG B 190 -10.18 32.03 -3.91
N ALA B 191 -9.81 30.85 -4.43
CA ALA B 191 -10.64 30.08 -5.41
C ALA B 191 -11.44 28.98 -4.70
N HIS B 192 -11.56 29.05 -3.37
CA HIS B 192 -12.40 28.16 -2.53
C HIS B 192 -11.98 26.71 -2.74
N PHE B 193 -10.68 26.43 -2.86
CA PHE B 193 -10.17 25.03 -2.89
C PHE B 193 -9.66 24.63 -1.51
N PRO B 194 -10.21 23.55 -0.94
CA PRO B 194 -9.69 23.01 0.32
C PRO B 194 -8.22 22.63 0.17
N LEU B 195 -7.47 22.87 1.23
CA LEU B 195 -6.03 22.51 1.31
C LEU B 195 -5.71 22.33 2.80
N ASP B 196 -5.43 21.11 3.25
CA ASP B 196 -5.03 20.88 4.65
C ASP B 196 -3.54 21.07 4.80
N VAL B 197 -2.75 20.68 3.81
CA VAL B 197 -1.28 20.52 4.04
C VAL B 197 -0.51 21.13 2.88
N GLN B 198 0.28 22.15 3.19
CA GLN B 198 1.22 22.72 2.21
C GLN B 198 2.53 21.98 2.36
N TRP B 199 3.16 21.63 1.24
CA TRP B 199 4.45 20.90 1.21
C TRP B 199 5.52 21.75 0.55
N ASN B 200 6.78 21.48 0.88
CA ASN B 200 7.91 21.86 -0.01
C ASN B 200 8.76 20.62 -0.33
N ASP B 201 9.34 20.65 -1.52
CA ASP B 201 10.40 19.74 -1.98
C ASP B 201 11.74 20.34 -1.52
N LEU B 202 12.85 20.01 -2.16
CA LEU B 202 14.20 20.33 -1.61
C LEU B 202 14.53 21.83 -1.71
N ASP B 203 13.67 22.62 -2.35
CA ASP B 203 13.78 24.11 -2.45
C ASP B 203 14.17 24.74 -1.11
N TYR B 204 13.66 24.23 0.03
CA TYR B 204 13.84 24.91 1.34
C TYR B 204 15.29 24.80 1.81
N MET B 205 16.00 23.79 1.35
CA MET B 205 17.28 23.40 2.00
C MET B 205 18.39 24.43 1.72
N ASP B 206 19.40 24.45 2.60
CA ASP B 206 20.68 25.16 2.35
C ASP B 206 21.66 24.24 1.61
N SER B 207 22.00 24.54 0.35
CA SER B 207 22.91 23.73 -0.49
C SER B 207 22.44 22.27 -0.47
N ARG B 208 21.12 22.06 -0.56
CA ARG B 208 20.49 20.74 -0.80
C ARG B 208 20.85 19.78 0.35
N ARG B 209 20.98 20.31 1.56
CA ARG B 209 21.24 19.49 2.76
C ARG B 209 20.03 19.36 3.67
N ASP B 210 19.78 18.14 4.14
CA ASP B 210 18.83 17.89 5.24
C ASP B 210 19.08 18.77 6.48
N PHE B 211 18.01 19.14 7.18
CA PHE B 211 18.02 19.76 8.54
C PHE B 211 18.66 21.13 8.43
N THR B 212 18.50 21.77 7.27
CA THR B 212 18.91 23.18 7.02
C THR B 212 17.80 23.90 6.27
N PHE B 213 17.83 25.23 6.27
CA PHE B 213 16.99 26.01 5.34
C PHE B 213 17.83 27.19 4.86
N ASN B 214 17.70 27.54 3.59
CA ASN B 214 18.54 28.62 3.00
C ASN B 214 18.06 29.96 3.55
N LYS B 215 18.94 30.97 3.56
CA LYS B 215 18.68 32.30 4.15
C LYS B 215 18.43 33.31 3.02
N ASP B 216 18.07 32.83 1.83
CA ASP B 216 17.55 33.65 0.70
C ASP B 216 16.02 33.52 0.68
N GLY B 217 15.50 32.69 -0.23
CA GLY B 217 14.05 32.46 -0.40
C GLY B 217 13.41 31.95 0.88
N PHE B 218 14.15 31.20 1.72
CA PHE B 218 13.56 30.55 2.91
C PHE B 218 14.07 31.14 4.23
N ARG B 219 14.60 32.38 4.20
CA ARG B 219 15.09 33.03 5.46
C ARG B 219 14.03 33.00 6.57
N ASP B 220 12.75 33.19 6.26
CA ASP B 220 11.66 33.26 7.27
C ASP B 220 10.83 31.96 7.27
N PHE B 221 11.48 30.84 6.95
CA PHE B 221 10.85 29.50 6.98
C PHE B 221 10.10 29.27 8.28
N PRO B 222 10.67 29.50 9.50
CA PRO B 222 9.91 29.23 10.72
C PRO B 222 8.57 29.98 10.76
N ALA B 223 8.58 31.26 10.41
CA ALA B 223 7.39 32.12 10.43
C ALA B 223 6.36 31.59 9.45
N MET B 224 6.80 31.12 8.28
CA MET B 224 5.85 30.61 7.26
C MET B 224 5.07 29.47 7.88
N VAL B 225 5.76 28.54 8.52
CA VAL B 225 5.11 27.32 9.05
C VAL B 225 4.21 27.66 10.24
N GLN B 226 4.66 28.55 11.12
CA GLN B 226 3.83 29.03 12.25
C GLN B 226 2.55 29.67 11.70
N GLU B 227 2.66 30.44 10.63
CA GLU B 227 1.48 31.11 10.00
C GLU B 227 0.53 30.06 9.42
N LEU B 228 1.05 29.02 8.78
CA LEU B 228 0.18 27.93 8.27
C LEU B 228 -0.63 27.36 9.42
N HIS B 229 0.02 27.09 10.56
CA HIS B 229 -0.62 26.54 11.77
C HIS B 229 -1.71 27.51 12.28
N GLN B 230 -1.41 28.81 12.29
CA GLN B 230 -2.38 29.84 12.75
C GLN B 230 -3.65 29.77 11.89
N GLY B 231 -3.52 29.43 10.61
CA GLY B 231 -4.67 29.33 9.68
C GLY B 231 -5.34 27.96 9.72
N GLY B 232 -4.89 27.02 10.53
CA GLY B 232 -5.52 25.70 10.66
C GLY B 232 -4.99 24.65 9.67
N ARG B 233 -3.80 24.87 9.11
CA ARG B 233 -3.18 23.95 8.14
C ARG B 233 -1.91 23.34 8.75
N ARG B 234 -1.46 22.26 8.13
CA ARG B 234 -0.23 21.56 8.52
C ARG B 234 0.78 21.75 7.39
N TYR B 235 2.01 21.34 7.68
CA TYR B 235 3.16 21.55 6.80
C TYR B 235 4.01 20.27 6.75
N MET B 236 4.36 19.88 5.53
CA MET B 236 5.22 18.70 5.21
CA MET B 236 5.27 18.75 5.28
C MET B 236 6.41 19.15 4.35
N MET B 237 7.56 18.53 4.56
CA MET B 237 8.69 18.80 3.67
C MET B 237 9.49 17.53 3.45
N ILE B 238 10.21 17.51 2.34
CA ILE B 238 11.02 16.35 1.91
C ILE B 238 12.25 16.23 2.85
N VAL B 239 12.63 15.00 3.09
CA VAL B 239 13.86 14.63 3.82
C VAL B 239 14.46 13.51 2.98
N ASP B 240 15.73 13.62 2.65
CA ASP B 240 16.54 12.60 1.96
C ASP B 240 17.29 11.79 3.01
N PRO B 241 17.70 10.53 2.70
CA PRO B 241 18.47 9.79 3.70
C PRO B 241 19.95 10.16 3.69
N ALA B 242 20.46 10.56 2.54
CA ALA B 242 21.91 10.79 2.36
C ALA B 242 22.31 12.10 3.03
N ILE B 243 23.48 12.11 3.63
CA ILE B 243 23.98 13.20 4.51
C ILE B 243 25.29 13.70 3.89
N SER B 244 25.33 14.99 3.62
CA SER B 244 26.51 15.67 3.05
C SER B 244 27.75 15.36 3.90
N SER B 245 28.79 14.86 3.25
CA SER B 245 30.03 14.42 3.92
C SER B 245 31.20 15.37 3.60
N SER B 246 30.96 16.42 2.83
CA SER B 246 32.10 17.20 2.23
C SER B 246 32.29 18.53 2.93
N GLY B 247 31.43 18.90 3.87
CA GLY B 247 31.44 20.26 4.45
C GLY B 247 32.65 20.34 5.34
N PRO B 248 33.18 21.54 5.67
CA PRO B 248 34.27 21.60 6.63
C PRO B 248 33.86 20.89 7.93
N ALA B 249 34.77 20.18 8.55
CA ALA B 249 34.56 19.55 9.86
C ALA B 249 34.05 20.58 10.85
N GLY B 250 32.96 20.23 11.54
CA GLY B 250 32.35 21.03 12.60
C GLY B 250 31.32 21.99 12.07
N SER B 251 31.12 22.08 10.75
CA SER B 251 30.22 23.05 10.08
C SER B 251 28.84 22.44 9.79
N TYR B 252 28.62 21.14 9.98
CA TYR B 252 27.34 20.51 9.55
C TYR B 252 27.00 19.34 10.48
N ARG B 253 26.22 19.64 11.49
CA ARG B 253 26.02 18.78 12.68
C ARG B 253 25.49 17.42 12.27
N PRO B 254 24.52 17.28 11.34
CA PRO B 254 24.06 15.93 10.99
C PRO B 254 25.21 14.99 10.59
N TYR B 255 26.16 15.50 9.82
CA TYR B 255 27.33 14.69 9.43
C TYR B 255 28.28 14.54 10.62
N ASP B 256 28.65 15.66 11.24
CA ASP B 256 29.69 15.66 12.30
C ASP B 256 29.24 14.72 13.43
N GLU B 257 27.99 14.85 13.87
CA GLU B 257 27.43 14.02 14.95
C GLU B 257 27.25 12.57 14.48
N GLY B 258 26.77 12.35 13.23
CA GLY B 258 26.67 11.00 12.67
C GLY B 258 28.03 10.31 12.68
N LEU B 259 29.10 11.04 12.35
CA LEU B 259 30.44 10.45 12.33
C LEU B 259 30.84 10.06 13.76
N ARG B 260 30.62 10.95 14.72
CA ARG B 260 30.99 10.74 16.14
C ARG B 260 30.34 9.46 16.67
N ARG B 261 29.09 9.23 16.30
CA ARG B 261 28.28 8.13 16.87
C ARG B 261 28.31 6.89 15.98
N GLY B 262 28.97 6.94 14.83
CA GLY B 262 29.16 5.80 13.91
C GLY B 262 27.83 5.37 13.31
N VAL B 263 27.05 6.31 12.82
CA VAL B 263 25.65 6.01 12.38
C VAL B 263 25.64 5.53 10.92
N PHE B 264 26.73 5.63 10.17
CA PHE B 264 26.67 5.44 8.69
C PHE B 264 26.98 3.99 8.30
N ILE B 265 26.45 3.59 7.16
CA ILE B 265 26.89 2.38 6.43
C ILE B 265 28.36 2.51 6.10
N THR B 266 29.13 1.48 6.38
CA THR B 266 30.60 1.52 6.20
C THR B 266 31.04 0.54 5.14
N ASN B 267 32.27 0.71 4.70
CA ASN B 267 32.86 -0.14 3.64
C ASN B 267 33.91 -1.06 4.27
N GLU B 268 34.70 -1.70 3.41
CA GLU B 268 35.64 -2.80 3.77
C GLU B 268 36.59 -2.35 4.88
N THR B 269 37.04 -1.10 4.82
CA THR B 269 38.08 -0.56 5.74
C THR B 269 37.41 0.05 6.97
N GLY B 270 36.07 0.04 7.07
CA GLY B 270 35.32 0.54 8.21
C GLY B 270 35.04 2.04 8.14
N GLN B 271 35.35 2.70 7.04
CA GLN B 271 35.02 4.13 6.89
C GLN B 271 33.63 4.23 6.25
N PRO B 272 32.99 5.40 6.36
CA PRO B 272 31.67 5.60 5.74
C PRO B 272 31.72 5.39 4.23
N LEU B 273 30.78 4.60 3.72
CA LEU B 273 30.60 4.51 2.27
C LEU B 273 30.15 5.88 1.77
N ILE B 274 30.85 6.41 0.79
CA ILE B 274 30.52 7.76 0.24
C ILE B 274 29.96 7.57 -1.16
N GLY B 275 28.72 8.02 -1.36
CA GLY B 275 28.09 8.09 -2.66
C GLY B 275 27.98 9.52 -3.15
N LYS B 276 27.16 9.75 -4.15
CA LYS B 276 26.86 11.11 -4.64
C LYS B 276 25.34 11.23 -4.75
N VAL B 277 24.80 12.17 -4.02
CA VAL B 277 23.37 12.54 -4.18
C VAL B 277 23.29 14.07 -4.20
N TRP B 278 22.21 14.67 -3.72
CA TRP B 278 21.91 16.09 -4.02
C TRP B 278 23.02 17.03 -3.59
N PRO B 279 23.57 16.94 -2.38
CA PRO B 279 24.55 17.95 -1.97
C PRO B 279 25.96 17.69 -2.48
N GLY B 280 26.14 16.61 -3.24
CA GLY B 280 27.45 16.10 -3.68
C GLY B 280 27.78 14.82 -2.94
N SER B 281 29.00 14.72 -2.41
CA SER B 281 29.41 13.52 -1.64
C SER B 281 28.49 13.31 -0.43
N THR B 282 28.02 12.09 -0.18
CA THR B 282 27.13 11.79 0.94
C THR B 282 27.48 10.47 1.59
N ALA B 283 27.23 10.39 2.90
CA ALA B 283 27.19 9.11 3.62
C ALA B 283 25.71 8.69 3.78
N PHE B 284 25.49 7.42 4.03
CA PHE B 284 24.14 6.83 4.11
C PHE B 284 23.92 6.31 5.51
N PRO B 285 22.91 6.84 6.24
CA PRO B 285 22.60 6.34 7.57
C PRO B 285 22.21 4.87 7.52
N ASP B 286 22.60 4.19 8.57
CA ASP B 286 22.29 2.76 8.79
C ASP B 286 21.12 2.67 9.77
N PHE B 287 19.89 2.56 9.27
CA PHE B 287 18.72 2.59 10.16
C PHE B 287 18.50 1.21 10.81
N THR B 288 19.47 0.29 10.75
CA THR B 288 19.43 -0.93 11.59
C THR B 288 20.30 -0.72 12.84
N ASN B 289 21.05 0.37 12.91
CA ASN B 289 21.91 0.67 14.07
C ASN B 289 21.10 1.45 15.10
N PRO B 290 20.88 0.90 16.32
CA PRO B 290 20.13 1.60 17.38
C PRO B 290 20.67 3.00 17.62
N THR B 291 21.98 3.19 17.50
CA THR B 291 22.60 4.52 17.68
C THR B 291 22.18 5.48 16.54
N ALA B 292 22.06 4.99 15.30
CA ALA B 292 21.55 5.81 14.17
C ALA B 292 20.12 6.23 14.47
N LEU B 293 19.33 5.36 15.07
CA LEU B 293 17.95 5.76 15.41
C LEU B 293 17.96 6.95 16.39
N ALA B 294 18.81 6.90 17.41
CA ALA B 294 18.93 7.95 18.44
C ALA B 294 19.37 9.25 17.75
N TRP B 295 20.35 9.14 16.85
CA TRP B 295 20.86 10.29 16.07
C TRP B 295 19.76 10.91 15.20
N TRP B 296 18.97 10.07 14.56
CA TRP B 296 17.91 10.55 13.66
C TRP B 296 16.84 11.26 14.49
N GLU B 297 16.46 10.65 15.60
CA GLU B 297 15.51 11.28 16.54
C GLU B 297 16.04 12.67 16.93
N ASP B 298 17.30 12.77 17.29
CA ASP B 298 17.89 14.07 17.69
C ASP B 298 17.85 15.07 16.52
N MET B 299 18.26 14.68 15.30
CA MET B 299 18.31 15.62 14.14
C MET B 299 16.90 16.11 13.82
N VAL B 300 15.93 15.22 13.84
CA VAL B 300 14.51 15.62 13.58
C VAL B 300 14.01 16.55 14.70
N ALA B 301 14.25 16.23 15.98
CA ALA B 301 13.75 17.03 17.12
C ALA B 301 14.43 18.40 17.07
N GLU B 302 15.74 18.43 16.81
CA GLU B 302 16.45 19.75 16.77
C GLU B 302 15.92 20.59 15.62
N PHE B 303 15.71 19.99 14.45
CA PHE B 303 15.21 20.75 13.29
C PHE B 303 13.77 21.21 13.58
N HIS B 304 12.97 20.35 14.22
CA HIS B 304 11.56 20.67 14.57
C HIS B 304 11.51 21.87 15.54
N ASP B 305 12.54 22.05 16.38
CA ASP B 305 12.66 23.22 17.28
C ASP B 305 12.87 24.49 16.45
N GLN B 306 13.45 24.40 15.27
CA GLN B 306 13.61 25.59 14.40
C GLN B 306 12.35 25.80 13.56
N VAL B 307 11.80 24.72 13.01
CA VAL B 307 10.69 24.80 12.01
C VAL B 307 9.69 23.70 12.37
N PRO B 308 8.49 24.03 12.86
CA PRO B 308 7.60 23.02 13.43
C PRO B 308 6.80 22.24 12.36
N PHE B 309 7.50 21.49 11.52
CA PHE B 309 6.86 20.63 10.49
C PHE B 309 6.02 19.55 11.16
N ASP B 310 5.01 19.04 10.44
CA ASP B 310 3.96 18.17 10.99
C ASP B 310 4.15 16.73 10.55
N GLY B 311 5.17 16.45 9.75
CA GLY B 311 5.44 15.09 9.26
C GLY B 311 6.66 15.08 8.39
N MET B 312 6.98 13.94 7.81
CA MET B 312 8.19 13.78 6.95
C MET B 312 7.80 13.05 5.68
N TRP B 313 8.25 13.59 4.54
CA TRP B 313 8.18 12.99 3.20
C TRP B 313 9.56 12.38 2.93
N ILE B 314 9.68 11.08 3.10
CA ILE B 314 11.02 10.45 2.98
C ILE B 314 11.17 9.88 1.56
N ASP B 315 12.03 10.53 0.77
CA ASP B 315 12.31 10.22 -0.64
C ASP B 315 13.65 9.48 -0.78
N MET B 316 13.93 8.89 -1.95
CA MET B 316 15.27 8.43 -2.37
CA MET B 316 15.30 8.47 -2.34
C MET B 316 15.84 7.40 -1.38
N ASN B 317 14.96 6.62 -0.76
CA ASN B 317 15.30 5.68 0.34
C ASN B 317 15.28 4.22 -0.11
N GLU B 318 15.70 3.99 -1.37
CA GLU B 318 15.91 2.65 -1.93
C GLU B 318 17.15 1.97 -1.33
N PRO B 319 18.30 2.58 -0.96
CA PRO B 319 18.64 4.00 -1.11
C PRO B 319 19.12 4.32 -2.53
N SER B 320 18.73 5.49 -3.02
CA SER B 320 19.08 5.96 -4.37
C SER B 320 20.47 6.61 -4.34
N ASN B 321 21.29 6.29 -5.33
CA ASN B 321 22.65 6.86 -5.47
C ASN B 321 22.77 7.40 -6.89
N PHE B 322 23.27 8.61 -7.08
CA PHE B 322 23.47 9.17 -8.45
C PHE B 322 24.61 8.44 -9.16
N ILE B 323 25.46 7.74 -8.43
CA ILE B 323 26.56 6.98 -9.06
C ILE B 323 26.42 5.51 -8.64
N ARG B 324 27.22 4.66 -9.25
CA ARG B 324 27.14 3.20 -9.05
C ARG B 324 27.97 2.79 -7.83
N GLY B 325 27.33 2.37 -6.74
CA GLY B 325 28.01 1.76 -5.58
C GLY B 325 28.55 2.81 -4.64
N SER B 326 29.68 3.43 -4.97
CA SER B 326 30.29 4.49 -4.15
C SER B 326 31.25 5.27 -5.05
N GLU B 327 31.71 6.39 -4.56
CA GLU B 327 32.74 7.22 -5.22
C GLU B 327 33.96 6.34 -5.47
N ASP B 328 34.16 5.29 -4.66
CA ASP B 328 35.39 4.45 -4.66
C ASP B 328 35.07 3.13 -5.33
N GLY B 329 33.94 3.06 -6.03
CA GLY B 329 33.46 1.81 -6.62
C GLY B 329 33.16 0.77 -5.56
N CYS B 330 33.16 -0.51 -5.92
CA CYS B 330 32.86 -1.60 -4.97
C CYS B 330 33.90 -2.70 -5.17
N PRO B 331 34.21 -3.49 -4.13
CA PRO B 331 35.17 -4.58 -4.25
C PRO B 331 34.63 -5.67 -5.15
N ASN B 332 35.51 -6.53 -5.61
CA ASN B 332 35.11 -7.69 -6.42
C ASN B 332 34.93 -8.83 -5.42
N ASN B 333 33.69 -9.15 -5.03
CA ASN B 333 33.43 -10.31 -4.16
C ASN B 333 32.08 -10.93 -4.57
N GLU B 334 31.70 -11.99 -3.90
CA GLU B 334 30.51 -12.79 -4.25
C GLU B 334 29.22 -12.04 -3.94
N LEU B 335 29.23 -11.07 -3.04
CA LEU B 335 27.99 -10.26 -2.80
C LEU B 335 27.78 -9.24 -3.92
N GLU B 336 28.85 -8.60 -4.37
CA GLU B 336 28.79 -7.63 -5.49
C GLU B 336 28.50 -8.37 -6.80
N ASN B 337 29.02 -9.60 -6.95
CA ASN B 337 28.94 -10.38 -8.21
C ASN B 337 28.43 -11.77 -7.88
N PRO B 338 27.12 -11.90 -7.55
CA PRO B 338 26.57 -13.15 -7.04
C PRO B 338 26.35 -14.14 -8.18
N PRO B 339 26.20 -15.43 -7.85
CA PRO B 339 26.09 -16.44 -8.90
C PRO B 339 24.77 -16.35 -9.67
N TYR B 340 23.74 -15.80 -9.05
CA TYR B 340 22.45 -15.57 -9.73
C TYR B 340 22.06 -14.12 -9.51
N VAL B 341 22.00 -13.36 -10.59
CA VAL B 341 21.54 -11.94 -10.52
C VAL B 341 20.10 -11.93 -10.97
N PRO B 342 19.14 -11.57 -10.11
CA PRO B 342 17.75 -11.43 -10.54
C PRO B 342 17.61 -10.37 -11.65
N GLY B 343 16.45 -10.30 -12.27
CA GLY B 343 16.18 -9.47 -13.46
C GLY B 343 16.12 -7.99 -13.14
N VAL B 344 17.10 -7.46 -12.42
CA VAL B 344 17.05 -6.03 -12.01
C VAL B 344 17.40 -5.15 -13.20
N VAL B 345 16.78 -3.99 -13.28
CA VAL B 345 17.20 -2.95 -14.26
C VAL B 345 18.68 -2.66 -14.07
N GLY B 346 19.45 -2.70 -15.15
CA GLY B 346 20.88 -2.36 -15.14
C GLY B 346 21.74 -3.60 -14.96
N GLY B 347 21.15 -4.74 -14.61
CA GLY B 347 21.84 -6.05 -14.58
C GLY B 347 22.80 -6.23 -13.44
N THR B 348 22.77 -5.36 -12.43
CA THR B 348 23.67 -5.44 -11.27
C THR B 348 22.92 -4.95 -10.04
N LEU B 349 23.20 -5.53 -8.87
CA LEU B 349 22.61 -5.09 -7.58
C LEU B 349 23.07 -3.69 -7.22
N GLN B 350 24.18 -3.21 -7.82
CA GLN B 350 24.81 -1.90 -7.51
CA GLN B 350 24.78 -1.89 -7.47
C GLN B 350 24.12 -0.74 -8.24
N ALA B 351 23.45 -1.02 -9.35
CA ALA B 351 22.89 0.05 -10.21
C ALA B 351 21.97 0.96 -9.39
N ALA B 352 22.22 2.27 -9.45
CA ALA B 352 21.44 3.36 -8.82
C ALA B 352 21.41 3.23 -7.29
N THR B 353 22.37 2.53 -6.67
CA THR B 353 22.36 2.33 -5.20
C THR B 353 23.78 2.16 -4.70
N ILE B 354 23.92 1.60 -3.52
CA ILE B 354 25.22 1.49 -2.82
C ILE B 354 25.75 0.06 -2.93
N CYS B 355 27.01 -0.16 -2.54
CA CYS B 355 27.68 -1.45 -2.73
C CYS B 355 26.91 -2.49 -1.92
N ALA B 356 26.71 -3.66 -2.50
CA ALA B 356 26.01 -4.78 -1.85
C ALA B 356 26.81 -5.30 -0.64
N SER B 357 28.15 -5.23 -0.65
CA SER B 357 28.95 -5.82 0.44
C SER B 357 29.21 -4.80 1.56
N SER B 358 28.63 -3.62 1.48
CA SER B 358 28.74 -2.58 2.52
C SER B 358 28.11 -3.09 3.81
N HIS B 359 28.60 -2.57 4.92
CA HIS B 359 28.31 -3.08 6.29
C HIS B 359 27.20 -2.25 6.94
N GLN B 360 26.22 -2.95 7.51
CA GLN B 360 25.20 -2.40 8.42
C GLN B 360 25.27 -3.14 9.76
N PHE B 361 24.63 -2.56 10.76
CA PHE B 361 24.70 -3.09 12.13
C PHE B 361 24.22 -4.54 12.16
N LEU B 362 23.10 -4.85 11.51
CA LEU B 362 22.52 -6.21 11.58
C LEU B 362 23.12 -7.18 10.56
N SER B 363 23.57 -6.70 9.42
CA SER B 363 24.05 -7.59 8.33
C SER B 363 24.67 -6.74 7.22
N THR B 364 25.00 -7.39 6.11
CA THR B 364 25.46 -6.68 4.89
C THR B 364 24.28 -6.01 4.18
N HIS B 365 24.57 -4.99 3.38
CA HIS B 365 23.53 -4.32 2.52
C HIS B 365 22.88 -5.34 1.59
N TYR B 366 23.62 -6.35 1.17
CA TYR B 366 23.10 -7.43 0.29
C TYR B 366 21.80 -8.02 0.88
N ASN B 367 21.82 -8.27 2.16
CA ASN B 367 20.67 -8.87 2.86
C ASN B 367 19.63 -7.81 3.25
N LEU B 368 20.02 -6.57 3.55
CA LEU B 368 19.16 -5.56 4.16
C LEU B 368 18.63 -4.53 3.16
N HIS B 369 19.17 -4.48 1.93
CA HIS B 369 18.81 -3.44 0.93
C HIS B 369 17.30 -3.27 0.88
N ASN B 370 16.54 -4.36 0.71
CA ASN B 370 15.09 -4.22 0.49
C ASN B 370 14.40 -3.67 1.73
N LEU B 371 15.07 -3.59 2.88
CA LEU B 371 14.51 -3.02 4.14
C LEU B 371 14.96 -1.57 4.35
N TYR B 372 15.77 -0.99 3.48
CA TYR B 372 16.33 0.35 3.77
C TYR B 372 15.21 1.36 4.02
N GLY B 373 14.27 1.46 3.10
CA GLY B 373 13.15 2.39 3.20
C GLY B 373 12.30 2.14 4.42
N LEU B 374 11.95 0.90 4.65
CA LEU B 374 11.15 0.50 5.83
C LEU B 374 11.87 0.92 7.13
N THR B 375 13.18 0.68 7.24
CA THR B 375 13.94 1.00 8.48
C THR B 375 13.94 2.52 8.66
N GLU B 376 14.10 3.29 7.59
CA GLU B 376 13.99 4.76 7.68
C GLU B 376 12.58 5.19 8.10
N ALA B 377 11.54 4.52 7.62
CA ALA B 377 10.16 4.86 8.00
C ALA B 377 9.95 4.58 9.50
N ILE B 378 10.45 3.44 10.00
CA ILE B 378 10.34 3.10 11.45
C ILE B 378 11.06 4.20 12.24
N ALA B 379 12.28 4.54 11.83
CA ALA B 379 13.11 5.56 12.52
C ALA B 379 12.40 6.92 12.53
N SER B 380 11.75 7.26 11.44
CA SER B 380 11.07 8.57 11.24
C SER B 380 9.77 8.59 12.04
N HIS B 381 9.05 7.47 12.07
CA HIS B 381 7.82 7.34 12.89
C HIS B 381 8.18 7.63 14.36
N ARG B 382 9.19 6.94 14.88
CA ARG B 382 9.67 7.10 16.28
C ARG B 382 10.13 8.55 16.49
N ALA B 383 10.91 9.10 15.56
CA ALA B 383 11.43 10.48 15.67
C ALA B 383 10.28 11.48 15.80
N LEU B 384 9.23 11.29 15.00
CA LEU B 384 8.10 12.23 14.98
C LEU B 384 7.23 12.08 16.23
N VAL B 385 7.05 10.87 16.74
CA VAL B 385 6.33 10.65 18.02
C VAL B 385 7.07 11.41 19.12
N LYS B 386 8.39 11.29 19.15
CA LYS B 386 9.16 11.87 20.27
C LYS B 386 9.16 13.38 20.11
N ALA B 387 9.26 13.88 18.88
CA ALA B 387 9.37 15.34 18.62
C ALA B 387 8.04 16.04 18.85
N ARG B 388 6.92 15.41 18.51
CA ARG B 388 5.62 16.14 18.46
C ARG B 388 4.65 15.62 19.54
N GLY B 389 4.76 14.38 20.00
CA GLY B 389 3.86 13.81 21.03
C GLY B 389 2.47 13.49 20.49
N THR B 390 2.27 13.54 19.18
CA THR B 390 0.99 13.13 18.51
C THR B 390 1.33 12.16 17.38
N ARG B 391 0.30 11.59 16.75
CA ARG B 391 0.42 10.57 15.71
C ARG B 391 1.36 11.05 14.61
N PRO B 392 2.32 10.22 14.18
CA PRO B 392 3.23 10.59 13.09
C PRO B 392 2.56 10.49 11.71
N PHE B 393 3.06 11.27 10.77
CA PHE B 393 2.63 11.24 9.36
C PHE B 393 3.88 11.16 8.48
N VAL B 394 4.20 9.96 8.04
CA VAL B 394 5.38 9.63 7.20
C VAL B 394 4.88 9.10 5.87
N ILE B 395 5.34 9.71 4.77
CA ILE B 395 5.04 9.26 3.39
C ILE B 395 6.39 8.88 2.77
N SER B 396 6.53 7.61 2.41
CA SER B 396 7.80 7.00 2.02
C SER B 396 7.78 6.54 0.57
N ARG B 397 8.88 6.71 -0.14
CA ARG B 397 8.97 6.15 -1.50
C ARG B 397 9.20 4.63 -1.42
N SER B 398 10.30 4.20 -0.86
CA SER B 398 10.68 2.77 -0.79
C SER B 398 9.94 2.11 0.38
N THR B 399 9.48 0.88 0.17
CA THR B 399 8.71 0.13 1.17
C THR B 399 9.15 -1.34 1.13
N PHE B 400 8.75 -2.05 2.17
CA PHE B 400 8.82 -3.52 2.27
C PHE B 400 7.56 -3.98 2.98
N ALA B 401 7.32 -5.29 2.95
CA ALA B 401 6.21 -5.88 3.71
C ALA B 401 6.21 -5.38 5.15
N GLY B 402 5.03 -4.94 5.66
CA GLY B 402 4.88 -4.41 7.01
C GLY B 402 5.03 -2.90 7.11
N HIS B 403 5.38 -2.26 6.00
CA HIS B 403 5.55 -0.78 5.93
C HIS B 403 4.34 -0.07 6.52
N GLY B 404 3.14 -0.54 6.21
CA GLY B 404 1.89 0.16 6.55
C GLY B 404 1.66 0.32 8.04
N ARG B 405 2.34 -0.48 8.86
CA ARG B 405 2.32 -0.35 10.32
C ARG B 405 2.92 0.99 10.73
N TYR B 406 3.79 1.59 9.90
CA TYR B 406 4.55 2.80 10.26
C TYR B 406 4.22 4.00 9.39
N ALA B 407 3.83 3.80 8.13
CA ALA B 407 3.88 4.90 7.16
C ALA B 407 2.99 4.64 5.96
N GLY B 408 2.83 5.69 5.20
CA GLY B 408 2.15 5.61 3.90
C GLY B 408 3.16 5.63 2.75
N HIS B 409 2.64 5.67 1.53
CA HIS B 409 3.45 5.56 0.29
C HIS B 409 2.80 6.39 -0.82
N TRP B 410 3.64 6.95 -1.69
CA TRP B 410 3.13 7.46 -2.98
C TRP B 410 3.85 6.68 -4.08
N THR B 411 3.25 6.56 -5.25
CA THR B 411 3.75 5.62 -6.29
C THR B 411 4.89 6.20 -7.13
N GLY B 412 5.45 7.35 -6.78
CA GLY B 412 6.70 7.84 -7.35
C GLY B 412 6.49 8.62 -8.64
N ASP B 413 7.47 8.57 -9.54
CA ASP B 413 7.61 9.53 -10.67
C ASP B 413 6.77 9.06 -11.86
N VAL B 414 5.46 9.08 -11.71
CA VAL B 414 4.50 8.71 -12.76
C VAL B 414 4.44 9.87 -13.78
N TRP B 415 4.38 9.53 -15.06
CA TRP B 415 4.15 10.54 -16.13
C TRP B 415 2.74 11.12 -16.02
N SER B 416 2.60 12.38 -16.44
CA SER B 416 1.30 13.01 -16.67
C SER B 416 0.73 12.45 -17.98
N SER B 417 0.21 11.23 -17.91
CA SER B 417 -0.33 10.52 -19.10
C SER B 417 -1.62 9.82 -18.73
N TRP B 418 -2.49 9.58 -19.72
CA TRP B 418 -3.76 8.85 -19.50
C TRP B 418 -3.41 7.41 -19.09
N GLU B 419 -2.35 6.84 -19.65
CA GLU B 419 -1.93 5.46 -19.29
C GLU B 419 -1.57 5.41 -17.79
N GLN B 420 -0.85 6.40 -17.26
CA GLN B 420 -0.44 6.34 -15.83
C GLN B 420 -1.65 6.65 -14.94
N LEU B 421 -2.58 7.53 -15.35
CA LEU B 421 -3.83 7.72 -14.59
C LEU B 421 -4.47 6.34 -14.42
N ALA B 422 -4.62 5.62 -15.54
CA ALA B 422 -5.32 4.31 -15.53
C ALA B 422 -4.54 3.33 -14.64
N SER B 423 -3.23 3.28 -14.79
CA SER B 423 -2.34 2.36 -14.04
C SER B 423 -2.38 2.64 -12.53
N SER B 424 -2.71 3.85 -12.11
CA SER B 424 -2.73 4.22 -10.67
C SER B 424 -3.82 3.44 -9.96
N VAL B 425 -4.91 3.04 -10.62
CA VAL B 425 -6.00 2.36 -9.89
C VAL B 425 -5.53 0.99 -9.41
N PRO B 426 -5.04 0.09 -10.29
CA PRO B 426 -4.54 -1.21 -9.81
C PRO B 426 -3.45 -1.02 -8.75
N GLU B 427 -2.59 -0.03 -8.91
CA GLU B 427 -1.44 0.11 -7.97
C GLU B 427 -1.94 0.54 -6.58
N ILE B 428 -2.89 1.45 -6.49
CA ILE B 428 -3.48 1.86 -5.19
C ILE B 428 -4.20 0.68 -4.55
N LEU B 429 -4.97 -0.08 -5.35
CA LEU B 429 -5.61 -1.31 -4.85
C LEU B 429 -4.55 -2.30 -4.33
N GLN B 430 -3.47 -2.49 -5.06
CA GLN B 430 -2.45 -3.48 -4.68
C GLN B 430 -1.85 -3.11 -3.32
N PHE B 431 -1.48 -1.86 -3.11
CA PHE B 431 -0.92 -1.40 -1.82
C PHE B 431 -1.95 -1.58 -0.69
N ASN B 432 -3.24 -1.41 -0.94
CA ASN B 432 -4.25 -1.70 0.11
C ASN B 432 -4.20 -3.20 0.50
N LEU B 433 -4.15 -4.10 -0.49
CA LEU B 433 -4.06 -5.55 -0.23
C LEU B 433 -2.80 -5.86 0.59
N LEU B 434 -1.77 -5.03 0.46
CA LEU B 434 -0.47 -5.23 1.15
C LEU B 434 -0.38 -4.49 2.51
N GLY B 435 -1.48 -3.93 3.00
CA GLY B 435 -1.54 -3.30 4.32
C GLY B 435 -0.91 -1.92 4.32
N VAL B 436 -0.83 -1.26 3.17
CA VAL B 436 -0.40 0.17 3.05
C VAL B 436 -1.56 0.96 2.48
N PRO B 437 -2.66 1.12 3.23
CA PRO B 437 -3.85 1.79 2.71
C PRO B 437 -3.64 3.27 2.49
N LEU B 438 -2.71 3.89 3.23
CA LEU B 438 -2.41 5.31 3.01
C LEU B 438 -1.49 5.42 1.78
N VAL B 439 -2.10 5.37 0.59
CA VAL B 439 -1.33 5.32 -0.68
C VAL B 439 -2.06 6.18 -1.71
N GLY B 440 -1.32 6.76 -2.63
CA GLY B 440 -1.87 7.49 -3.77
C GLY B 440 -0.79 7.74 -4.80
N ALA B 441 -1.18 8.24 -5.95
CA ALA B 441 -0.25 8.74 -6.98
C ALA B 441 -0.27 10.26 -6.96
N ASP B 442 0.76 10.85 -7.52
CA ASP B 442 0.83 12.32 -7.70
C ASP B 442 -0.35 12.73 -8.58
N VAL B 443 -1.29 13.45 -8.00
CA VAL B 443 -2.51 13.85 -8.75
C VAL B 443 -2.11 14.78 -9.92
N CYS B 444 -2.61 14.46 -11.11
CA CYS B 444 -2.31 15.10 -12.43
C CYS B 444 -0.98 14.63 -13.00
N GLY B 445 -0.24 13.80 -12.24
CA GLY B 445 1.04 13.20 -12.67
C GLY B 445 2.23 14.07 -12.33
N PHE B 446 3.39 13.44 -12.17
CA PHE B 446 4.64 14.10 -11.78
C PHE B 446 5.46 14.56 -12.99
N LEU B 447 5.89 13.65 -13.85
CA LEU B 447 6.80 13.96 -14.98
C LEU B 447 6.00 14.59 -16.12
N GLY B 448 6.64 15.48 -16.84
CA GLY B 448 6.08 16.07 -18.06
C GLY B 448 5.00 17.07 -17.74
N ASN B 449 4.19 17.40 -18.73
CA ASN B 449 3.16 18.46 -18.58
C ASN B 449 1.81 17.82 -18.64
N THR B 450 0.97 18.11 -17.66
CA THR B 450 -0.42 17.63 -17.66
C THR B 450 -1.20 18.44 -18.70
N SER B 451 -2.32 17.93 -19.13
CA SER B 451 -3.32 18.71 -19.89
C SER B 451 -4.42 19.08 -18.91
N GLU B 452 -5.23 20.06 -19.29
CA GLU B 452 -6.37 20.43 -18.43
C GLU B 452 -7.33 19.25 -18.33
N GLU B 453 -7.65 18.57 -19.44
CA GLU B 453 -8.61 17.45 -19.39
C GLU B 453 -8.06 16.35 -18.48
N LEU B 454 -6.79 15.98 -18.62
CA LEU B 454 -6.18 14.91 -17.81
C LEU B 454 -6.26 15.31 -16.33
N CYS B 455 -5.95 16.55 -16.01
CA CYS B 455 -5.91 17.03 -14.60
C CYS B 455 -7.34 17.07 -14.03
N VAL B 456 -8.40 17.32 -14.82
CA VAL B 456 -9.76 17.18 -14.28
C VAL B 456 -10.02 15.71 -13.89
N ARG B 457 -9.81 14.80 -14.83
CA ARG B 457 -10.08 13.36 -14.63
C ARG B 457 -9.19 12.83 -13.50
N TRP B 458 -7.95 13.28 -13.42
CA TRP B 458 -7.00 12.77 -12.41
C TRP B 458 -7.42 13.31 -11.02
N THR B 459 -7.92 14.54 -10.92
CA THR B 459 -8.41 15.10 -9.65
C THR B 459 -9.68 14.36 -9.23
N GLN B 460 -10.57 14.07 -10.17
CA GLN B 460 -11.78 13.28 -9.90
C GLN B 460 -11.42 11.93 -9.30
N LEU B 461 -10.54 11.18 -9.94
CA LEU B 461 -10.21 9.81 -9.48
C LEU B 461 -9.35 9.95 -8.21
N GLY B 462 -8.39 10.88 -8.24
CA GLY B 462 -7.42 11.09 -7.15
C GLY B 462 -8.10 11.49 -5.84
N ALA B 463 -9.27 12.12 -5.90
CA ALA B 463 -10.07 12.45 -4.72
C ALA B 463 -10.50 11.17 -4.01
N PHE B 464 -10.40 10.00 -4.68
CA PHE B 464 -10.69 8.70 -4.06
C PHE B 464 -9.41 7.91 -3.77
N TYR B 465 -8.23 8.50 -3.97
CA TYR B 465 -7.02 7.89 -3.39
C TYR B 465 -7.09 8.10 -1.89
N PRO B 466 -6.74 7.10 -1.05
CA PRO B 466 -6.75 7.34 0.41
C PRO B 466 -5.77 8.42 0.81
N PHE B 467 -4.62 8.50 0.14
CA PHE B 467 -3.68 9.64 0.30
C PHE B 467 -3.77 10.50 -0.97
N MET B 468 -4.22 11.75 -0.84
CA MET B 468 -4.46 12.62 -2.01
C MET B 468 -3.51 13.83 -2.01
N ARG B 469 -2.51 13.79 -2.87
CA ARG B 469 -1.51 14.86 -3.03
C ARG B 469 -1.36 15.13 -4.52
N ASN B 470 -1.41 16.41 -4.89
CA ASN B 470 -1.00 16.89 -6.22
C ASN B 470 0.46 17.29 -6.06
N HIS B 471 1.35 16.71 -6.87
CA HIS B 471 2.81 17.01 -6.82
C HIS B 471 3.30 17.04 -8.25
N ASN B 472 4.38 17.78 -8.50
CA ASN B 472 4.74 18.21 -9.86
C ASN B 472 6.25 18.37 -9.95
N SER B 473 6.82 18.08 -11.09
CA SER B 473 8.30 18.11 -11.27
CA SER B 473 8.29 18.11 -11.27
C SER B 473 8.76 19.55 -11.56
N LEU B 474 10.07 19.76 -11.41
CA LEU B 474 10.73 21.09 -11.50
C LEU B 474 10.44 21.74 -12.85
N LEU B 475 10.54 21.02 -13.95
CA LEU B 475 10.47 21.68 -15.29
C LEU B 475 9.04 21.64 -15.84
N SER B 476 8.08 21.14 -15.08
CA SER B 476 6.68 21.01 -15.54
C SER B 476 5.93 22.35 -15.49
N LEU B 477 4.94 22.49 -16.38
CA LEU B 477 3.94 23.56 -16.31
C LEU B 477 3.13 23.39 -15.02
N PRO B 478 2.67 24.52 -14.42
CA PRO B 478 1.94 24.46 -13.16
C PRO B 478 0.69 23.60 -13.31
N GLN B 479 0.29 22.95 -12.22
CA GLN B 479 -0.94 22.13 -12.21
C GLN B 479 -1.70 22.24 -10.88
N GLU B 480 -1.59 23.36 -10.14
CA GLU B 480 -2.46 23.57 -8.95
C GLU B 480 -3.86 23.77 -9.47
N PRO B 481 -4.90 23.36 -8.70
CA PRO B 481 -6.30 23.52 -9.12
C PRO B 481 -6.65 24.92 -9.69
N TYR B 482 -6.14 25.97 -9.05
CA TYR B 482 -6.46 27.37 -9.39
C TYR B 482 -5.80 27.80 -10.70
N SER B 483 -4.88 26.99 -11.28
CA SER B 483 -4.11 27.35 -12.51
C SER B 483 -4.88 26.99 -13.79
N PHE B 484 -6.10 26.47 -13.70
CA PHE B 484 -6.87 25.96 -14.86
C PHE B 484 -8.02 26.92 -15.20
N SER B 485 -8.71 26.61 -16.29
CA SER B 485 -9.91 27.36 -16.72
C SER B 485 -10.98 27.28 -15.65
N GLU B 486 -11.95 28.19 -15.70
CA GLU B 486 -13.03 28.24 -14.70
C GLU B 486 -13.79 26.92 -14.70
N PRO B 487 -14.22 26.36 -15.86
CA PRO B 487 -14.97 25.10 -15.85
C PRO B 487 -14.17 23.93 -15.23
N ALA B 488 -12.87 23.90 -15.51
CA ALA B 488 -11.96 22.87 -14.93
C ALA B 488 -11.84 23.10 -13.42
N GLN B 489 -11.67 24.34 -12.98
CA GLN B 489 -11.66 24.69 -11.54
C GLN B 489 -12.95 24.22 -10.88
N GLN B 490 -14.11 24.44 -11.49
CA GLN B 490 -15.39 23.99 -10.89
C GLN B 490 -15.39 22.47 -10.70
N ALA B 491 -14.92 21.71 -11.70
CA ALA B 491 -14.91 20.23 -11.62
C ALA B 491 -13.94 19.78 -10.50
N MET B 492 -12.79 20.43 -10.40
CA MET B 492 -11.77 20.09 -9.38
C MET B 492 -12.28 20.44 -7.97
N ARG B 493 -12.97 21.57 -7.84
CA ARG B 493 -13.57 22.00 -6.57
C ARG B 493 -14.63 20.99 -6.13
N LYS B 494 -15.47 20.52 -7.06
CA LYS B 494 -16.53 19.57 -6.73
C LYS B 494 -15.89 18.29 -6.22
N ALA B 495 -14.80 17.85 -6.83
CA ALA B 495 -14.11 16.59 -6.41
C ALA B 495 -13.58 16.76 -4.98
N LEU B 496 -12.94 17.88 -4.69
CA LEU B 496 -12.39 18.13 -3.33
C LEU B 496 -13.53 18.29 -2.32
N THR B 497 -14.64 18.94 -2.69
CA THR B 497 -15.80 19.16 -1.79
C THR B 497 -16.38 17.82 -1.37
N LEU B 498 -16.55 16.90 -2.31
CA LEU B 498 -17.12 15.57 -2.07
C LEU B 498 -16.15 14.78 -1.18
N ARG B 499 -14.86 14.82 -1.47
CA ARG B 499 -13.89 14.13 -0.60
C ARG B 499 -14.04 14.68 0.83
N TYR B 500 -14.05 15.99 1.00
CA TYR B 500 -14.14 16.60 2.36
C TYR B 500 -15.45 16.18 3.03
N ALA B 501 -16.55 16.10 2.29
CA ALA B 501 -17.84 15.70 2.87
C ALA B 501 -17.74 14.26 3.39
N LEU B 502 -16.98 13.41 2.69
CA LEU B 502 -16.85 11.98 3.01
C LEU B 502 -15.78 11.71 4.06
N LEU B 503 -15.05 12.71 4.53
CA LEU B 503 -13.89 12.44 5.43
C LEU B 503 -14.28 11.67 6.69
N PRO B 504 -15.43 11.90 7.36
CA PRO B 504 -15.78 11.07 8.51
C PRO B 504 -15.86 9.57 8.18
N HIS B 505 -16.32 9.25 6.98
CA HIS B 505 -16.45 7.87 6.47
C HIS B 505 -15.04 7.34 6.17
N LEU B 506 -14.24 8.12 5.45
CA LEU B 506 -12.87 7.69 5.08
C LEU B 506 -12.10 7.46 6.38
N TYR B 507 -12.24 8.33 7.38
CA TYR B 507 -11.55 8.15 8.68
C TYR B 507 -12.02 6.87 9.39
N THR B 508 -13.30 6.58 9.32
CA THR B 508 -13.86 5.34 9.93
C THR B 508 -13.26 4.13 9.19
N LEU B 509 -13.14 4.20 7.86
CA LEU B 509 -12.51 3.10 7.09
C LEU B 509 -11.04 2.93 7.54
N PHE B 510 -10.33 4.01 7.81
CA PHE B 510 -8.93 3.86 8.30
C PHE B 510 -8.93 3.25 9.70
N HIS B 511 -9.94 3.57 10.52
CA HIS B 511 -10.08 2.96 11.86
C HIS B 511 -10.22 1.44 11.69
N GLN B 512 -11.05 0.98 10.76
CA GLN B 512 -11.24 -0.47 10.54
C GLN B 512 -9.92 -1.08 10.04
N ALA B 513 -9.16 -0.37 9.20
CA ALA B 513 -7.87 -0.89 8.71
C ALA B 513 -6.97 -1.07 9.92
N HIS B 514 -6.94 -0.06 10.80
CA HIS B 514 -6.00 -0.05 11.96
C HIS B 514 -6.39 -1.11 13.00
N VAL B 515 -7.68 -1.36 13.23
CA VAL B 515 -8.09 -2.29 14.34
CA VAL B 515 -8.13 -2.26 14.34
C VAL B 515 -8.38 -3.70 13.84
N ALA B 516 -8.67 -3.88 12.55
CA ALA B 516 -9.14 -5.20 12.05
C ALA B 516 -8.40 -5.67 10.78
N GLY B 517 -7.39 -4.95 10.28
CA GLY B 517 -6.61 -5.39 9.10
C GLY B 517 -7.42 -5.31 7.81
N GLU B 518 -8.42 -4.43 7.77
CA GLU B 518 -9.26 -4.17 6.59
C GLU B 518 -8.50 -3.29 5.59
N THR B 519 -8.95 -3.35 4.34
CA THR B 519 -8.53 -2.47 3.24
C THR B 519 -9.39 -1.21 3.32
N VAL B 520 -8.88 -0.10 2.80
CA VAL B 520 -9.64 1.17 2.66
C VAL B 520 -10.16 1.25 1.23
N ALA B 521 -9.27 1.37 0.24
CA ALA B 521 -9.60 1.24 -1.19
C ALA B 521 -9.49 -0.24 -1.53
N ARG B 522 -10.52 -0.85 -2.09
CA ARG B 522 -10.49 -2.31 -2.28
C ARG B 522 -11.07 -2.66 -3.64
N PRO B 523 -10.51 -3.70 -4.28
CA PRO B 523 -11.00 -4.13 -5.57
C PRO B 523 -12.37 -4.80 -5.37
N LEU B 524 -13.17 -4.81 -6.43
CA LEU B 524 -14.51 -5.42 -6.36
C LEU B 524 -14.40 -6.87 -5.92
N PHE B 525 -13.35 -7.61 -6.34
CA PHE B 525 -13.23 -9.06 -6.03
C PHE B 525 -13.06 -9.27 -4.52
N LEU B 526 -12.56 -8.28 -3.76
CA LEU B 526 -12.46 -8.46 -2.30
C LEU B 526 -13.85 -8.44 -1.69
N GLU B 527 -14.77 -7.68 -2.28
CA GLU B 527 -16.12 -7.52 -1.71
C GLU B 527 -17.08 -8.55 -2.30
N PHE B 528 -16.86 -8.98 -3.54
CA PHE B 528 -17.79 -9.91 -4.24
C PHE B 528 -16.99 -11.04 -4.88
N PRO B 529 -16.20 -11.78 -4.09
CA PRO B 529 -15.32 -12.81 -4.64
C PRO B 529 -16.05 -13.99 -5.31
N LYS B 530 -17.30 -14.25 -4.92
CA LYS B 530 -18.11 -15.37 -5.49
C LYS B 530 -18.65 -14.96 -6.86
N ASP B 531 -18.51 -13.71 -7.27
CA ASP B 531 -18.85 -13.24 -8.64
C ASP B 531 -17.55 -13.19 -9.47
N SER B 532 -17.29 -14.20 -10.28
CA SER B 532 -15.99 -14.31 -10.97
C SER B 532 -15.82 -13.20 -12.02
N SER B 533 -16.91 -12.57 -12.47
CA SER B 533 -16.79 -11.39 -13.37
C SER B 533 -16.03 -10.26 -12.69
N THR B 534 -15.92 -10.25 -11.36
CA THR B 534 -15.18 -9.15 -10.68
C THR B 534 -13.67 -9.40 -10.72
N TRP B 535 -13.23 -10.63 -10.97
CA TRP B 535 -11.81 -11.00 -10.69
C TRP B 535 -10.82 -10.14 -11.46
N THR B 536 -11.14 -9.73 -12.69
CA THR B 536 -10.21 -8.95 -13.54
C THR B 536 -10.52 -7.45 -13.49
N VAL B 537 -11.46 -7.00 -12.65
CA VAL B 537 -11.79 -5.56 -12.59
C VAL B 537 -10.76 -4.82 -11.72
N ASP B 538 -10.05 -3.90 -12.33
CA ASP B 538 -9.05 -3.06 -11.62
C ASP B 538 -9.09 -1.62 -12.08
N HIS B 539 -10.09 -1.18 -12.88
CA HIS B 539 -10.25 0.25 -13.24
C HIS B 539 -11.48 0.86 -12.55
N GLN B 540 -12.05 0.12 -11.63
CA GLN B 540 -13.03 0.60 -10.64
C GLN B 540 -12.45 0.32 -9.26
N LEU B 541 -12.90 1.04 -8.24
CA LEU B 541 -12.51 0.74 -6.84
C LEU B 541 -13.69 0.96 -5.92
N LEU B 542 -13.68 0.25 -4.81
CA LEU B 542 -14.58 0.53 -3.67
C LEU B 542 -13.82 1.31 -2.61
N TRP B 543 -14.52 2.20 -1.93
CA TRP B 543 -14.13 2.59 -0.56
C TRP B 543 -14.90 1.68 0.38
N GLY B 544 -14.21 0.87 1.15
CA GLY B 544 -14.88 -0.09 2.05
C GLY B 544 -15.87 -0.97 1.29
N GLU B 545 -16.97 -1.32 1.92
CA GLU B 545 -17.97 -2.26 1.36
C GLU B 545 -18.90 -1.54 0.39
N ALA B 546 -19.08 -0.23 0.51
CA ALA B 546 -20.36 0.39 0.04
C ALA B 546 -20.20 1.42 -1.07
N LEU B 547 -19.03 2.02 -1.29
CA LEU B 547 -18.91 3.16 -2.23
CA LEU B 547 -18.92 3.16 -2.24
C LEU B 547 -18.14 2.73 -3.48
N LEU B 548 -18.82 2.64 -4.61
CA LEU B 548 -18.23 2.17 -5.88
C LEU B 548 -17.92 3.38 -6.75
N ILE B 549 -16.66 3.51 -7.12
CA ILE B 549 -16.13 4.64 -7.93
C ILE B 549 -15.75 4.12 -9.31
N THR B 550 -16.35 4.68 -10.35
CA THR B 550 -16.17 4.26 -11.74
C THR B 550 -15.63 5.43 -12.55
N PRO B 551 -14.30 5.65 -12.57
CA PRO B 551 -13.74 6.82 -13.21
C PRO B 551 -13.64 6.70 -14.73
N VAL B 552 -13.71 7.86 -15.40
CA VAL B 552 -13.20 7.99 -16.79
C VAL B 552 -11.68 8.07 -16.73
N LEU B 553 -11.00 7.23 -17.52
CA LEU B 553 -9.53 7.09 -17.51
C LEU B 553 -8.96 7.28 -18.91
N GLN B 554 -9.72 7.88 -19.81
CA GLN B 554 -9.32 8.10 -21.23
C GLN B 554 -9.75 9.49 -21.69
N ALA B 555 -8.98 10.09 -22.59
CA ALA B 555 -9.25 11.42 -23.17
C ALA B 555 -10.53 11.34 -24.03
N GLY B 556 -11.32 12.41 -24.07
CA GLY B 556 -12.40 12.57 -25.05
C GLY B 556 -13.60 11.71 -24.74
N LYS B 557 -13.71 11.14 -23.54
CA LYS B 557 -14.86 10.28 -23.18
C LYS B 557 -15.93 11.07 -22.43
N ALA B 558 -17.19 10.80 -22.70
CA ALA B 558 -18.35 11.42 -22.00
C ALA B 558 -19.24 10.32 -21.42
N GLU B 559 -18.73 9.10 -21.39
CA GLU B 559 -19.39 7.96 -20.75
C GLU B 559 -18.31 6.99 -20.27
N VAL B 560 -18.70 6.05 -19.42
CA VAL B 560 -17.78 4.99 -18.93
C VAL B 560 -18.63 3.75 -18.73
N THR B 561 -18.06 2.60 -19.00
CA THR B 561 -18.73 1.30 -18.77
C THR B 561 -18.06 0.63 -17.56
N GLY B 562 -18.85 0.32 -16.55
CA GLY B 562 -18.30 -0.29 -15.32
C GLY B 562 -19.08 -1.50 -14.91
N TYR B 563 -18.45 -2.36 -14.13
CA TYR B 563 -19.12 -3.56 -13.62
C TYR B 563 -19.88 -3.21 -12.35
N PHE B 564 -21.14 -3.64 -12.30
CA PHE B 564 -22.01 -3.52 -11.10
C PHE B 564 -22.39 -4.88 -10.57
N PRO B 565 -21.85 -5.29 -9.40
CA PRO B 565 -22.26 -6.55 -8.79
C PRO B 565 -23.76 -6.54 -8.52
N LEU B 566 -24.32 -7.74 -8.37
CA LEU B 566 -25.74 -7.97 -8.06
C LEU B 566 -26.15 -7.07 -6.90
N GLY B 567 -27.22 -6.30 -7.09
CA GLY B 567 -27.85 -5.47 -6.05
C GLY B 567 -28.21 -4.09 -6.58
N THR B 568 -28.61 -3.20 -5.69
CA THR B 568 -29.02 -1.83 -6.06
C THR B 568 -27.88 -0.90 -5.68
N TRP B 569 -27.57 0.00 -6.60
CA TRP B 569 -26.49 1.00 -6.49
C TRP B 569 -27.10 2.38 -6.75
N TYR B 570 -27.17 3.20 -5.69
CA TYR B 570 -27.75 4.56 -5.78
C TYR B 570 -26.70 5.53 -6.27
N ASP B 571 -27.09 6.38 -7.22
CA ASP B 571 -26.23 7.46 -7.72
C ASP B 571 -26.00 8.46 -6.58
N LEU B 572 -24.75 8.66 -6.17
CA LEU B 572 -24.47 9.55 -5.02
C LEU B 572 -24.85 10.99 -5.39
N GLN B 573 -25.01 11.31 -6.66
CA GLN B 573 -25.49 12.65 -7.10
C GLN B 573 -26.87 12.95 -6.50
N THR B 574 -27.63 11.95 -6.05
CA THR B 574 -28.98 12.16 -5.47
C THR B 574 -28.85 12.58 -4.00
N VAL B 575 -27.63 12.60 -3.45
CA VAL B 575 -27.42 13.02 -2.04
C VAL B 575 -26.96 14.48 -2.04
N PRO B 576 -27.70 15.41 -1.38
CA PRO B 576 -27.29 16.81 -1.33
C PRO B 576 -25.99 17.04 -0.54
N ILE B 577 -25.02 17.71 -1.17
CA ILE B 577 -23.67 18.06 -0.62
C ILE B 577 -23.51 19.58 -0.76
N GLU B 578 -23.05 20.28 0.28
CA GLU B 578 -22.91 21.76 0.32
C GLU B 578 -21.70 22.21 -0.52
N ARG B 591 -29.38 10.16 -16.45
CA ARG B 591 -28.74 9.57 -15.23
C ARG B 591 -29.79 8.88 -14.35
N GLU B 592 -29.69 7.57 -14.20
CA GLU B 592 -30.61 6.78 -13.32
C GLU B 592 -30.28 7.10 -11.86
N PRO B 593 -31.29 7.41 -11.01
CA PRO B 593 -31.06 7.55 -9.58
C PRO B 593 -30.61 6.24 -8.89
N ALA B 594 -30.95 5.07 -9.45
CA ALA B 594 -30.57 3.76 -8.89
C ALA B 594 -30.27 2.78 -10.01
N ILE B 595 -29.12 2.09 -9.96
CA ILE B 595 -28.82 0.98 -10.90
C ILE B 595 -29.29 -0.31 -10.26
N HIS B 596 -30.20 -1.06 -10.90
CA HIS B 596 -30.73 -2.35 -10.41
C HIS B 596 -29.96 -3.43 -11.16
N SER B 597 -28.87 -3.94 -10.58
CA SER B 597 -27.93 -4.82 -11.33
C SER B 597 -28.19 -6.27 -10.96
N GLU B 598 -28.09 -7.15 -11.95
CA GLU B 598 -28.08 -8.63 -11.76
C GLU B 598 -26.64 -9.13 -11.71
N GLY B 599 -25.65 -8.21 -11.66
CA GLY B 599 -24.23 -8.54 -11.90
C GLY B 599 -23.92 -8.38 -13.37
N GLN B 600 -23.60 -7.18 -13.80
CA GLN B 600 -23.49 -6.86 -15.24
C GLN B 600 -22.72 -5.57 -15.43
N TRP B 601 -22.26 -5.35 -16.65
CA TRP B 601 -21.61 -4.13 -17.15
C TRP B 601 -22.70 -3.12 -17.50
N VAL B 602 -22.50 -1.88 -17.09
CA VAL B 602 -23.48 -0.77 -17.27
C VAL B 602 -22.70 0.41 -17.82
N THR B 603 -23.20 1.02 -18.90
CA THR B 603 -22.62 2.25 -19.45
C THR B 603 -23.29 3.42 -18.76
N LEU B 604 -22.48 4.30 -18.19
CA LEU B 604 -22.90 5.46 -17.36
C LEU B 604 -22.57 6.74 -18.11
N PRO B 605 -23.43 7.78 -18.03
CA PRO B 605 -23.05 9.10 -18.52
C PRO B 605 -21.90 9.59 -17.63
N ALA B 606 -20.89 10.22 -18.22
CA ALA B 606 -19.70 10.73 -17.51
C ALA B 606 -19.11 11.89 -18.29
N PRO B 607 -19.84 13.02 -18.34
CA PRO B 607 -19.29 14.25 -18.90
C PRO B 607 -18.08 14.71 -18.07
N LEU B 608 -17.36 15.70 -18.59
CA LEU B 608 -16.08 16.16 -18.02
C LEU B 608 -16.28 16.56 -16.55
N ASP B 609 -17.43 17.11 -16.19
CA ASP B 609 -17.68 17.62 -14.81
C ASP B 609 -18.06 16.51 -13.85
N THR B 610 -18.05 15.23 -14.29
CA THR B 610 -18.64 14.12 -13.51
C THR B 610 -17.63 13.00 -13.27
N ILE B 611 -17.61 12.45 -12.06
CA ILE B 611 -17.11 11.07 -11.83
C ILE B 611 -18.26 10.28 -11.22
N ASN B 612 -18.49 9.10 -11.75
CA ASN B 612 -19.53 8.18 -11.25
C ASN B 612 -19.14 7.63 -9.87
N VAL B 613 -20.04 7.78 -8.90
CA VAL B 613 -19.92 7.21 -7.54
C VAL B 613 -21.29 6.69 -7.15
N HIS B 614 -21.37 5.41 -6.76
CA HIS B 614 -22.64 4.76 -6.39
C HIS B 614 -22.51 4.23 -4.98
N LEU B 615 -23.60 4.34 -4.22
CA LEU B 615 -23.70 3.82 -2.87
C LEU B 615 -24.52 2.54 -2.88
N ARG B 616 -23.93 1.48 -2.34
CA ARG B 616 -24.54 0.13 -2.24
C ARG B 616 -25.76 0.17 -1.31
N ALA B 617 -26.89 -0.37 -1.78
CA ALA B 617 -28.08 -0.55 -0.96
C ALA B 617 -27.73 -1.40 0.25
N GLY B 618 -28.17 -0.96 1.43
CA GLY B 618 -27.95 -1.63 2.72
C GLY B 618 -26.91 -0.92 3.57
N TYR B 619 -26.42 0.22 3.13
CA TYR B 619 -25.34 0.95 3.84
C TYR B 619 -25.78 2.36 4.20
N ILE B 620 -25.21 2.82 5.31
CA ILE B 620 -25.36 4.22 5.79
C ILE B 620 -23.96 4.81 5.89
N ILE B 621 -23.78 5.98 5.33
CA ILE B 621 -22.46 6.66 5.42
CA ILE B 621 -22.49 6.72 5.30
C ILE B 621 -22.64 8.00 6.13
N PRO B 622 -21.72 8.30 7.06
CA PRO B 622 -21.70 9.61 7.72
C PRO B 622 -20.96 10.60 6.84
N LEU B 623 -21.47 11.82 6.79
CA LEU B 623 -20.89 12.98 6.09
C LEU B 623 -20.76 14.16 7.05
N GLN B 624 -19.89 15.10 6.70
CA GLN B 624 -19.75 16.35 7.49
C GLN B 624 -19.74 17.54 6.54
N GLY B 625 -20.13 18.69 7.05
CA GLY B 625 -20.21 19.93 6.26
C GLY B 625 -18.84 20.41 5.86
N PRO B 626 -18.81 21.47 5.04
CA PRO B 626 -17.63 21.85 4.26
C PRO B 626 -16.64 22.71 5.06
N GLY B 627 -15.45 22.78 4.51
CA GLY B 627 -14.38 23.63 5.05
C GLY B 627 -13.21 23.64 4.10
N LEU B 628 -12.37 24.64 4.18
CA LEU B 628 -11.15 24.65 3.36
C LEU B 628 -10.04 23.89 4.10
N THR B 629 -10.27 23.53 5.34
CA THR B 629 -9.36 22.63 6.12
C THR B 629 -10.19 21.67 6.94
N THR B 630 -9.56 20.60 7.46
CA THR B 630 -10.24 19.72 8.44
C THR B 630 -10.42 20.44 9.77
N THR B 631 -9.59 21.43 10.07
CA THR B 631 -9.77 22.22 11.31
C THR B 631 -11.16 22.86 11.28
N GLU B 632 -11.52 23.41 10.12
CA GLU B 632 -12.86 23.99 9.87
C GLU B 632 -13.91 22.88 9.73
N SER B 633 -13.72 21.88 8.87
CA SER B 633 -14.77 20.90 8.53
C SER B 633 -15.21 20.13 9.79
N ARG B 634 -14.27 19.79 10.70
CA ARG B 634 -14.56 18.94 11.87
C ARG B 634 -15.52 19.66 12.84
N GLN B 635 -15.68 20.97 12.69
CA GLN B 635 -16.58 21.78 13.54
C GLN B 635 -17.99 21.86 12.96
N GLN B 636 -18.22 21.31 11.76
CA GLN B 636 -19.48 21.49 11.00
C GLN B 636 -20.47 20.43 11.47
N PRO B 637 -21.78 20.67 11.26
CA PRO B 637 -22.74 19.61 11.52
C PRO B 637 -22.54 18.45 10.55
N MET B 638 -23.05 17.30 10.97
CA MET B 638 -22.96 16.04 10.21
C MET B 638 -24.30 15.71 9.55
N ALA B 639 -24.25 14.76 8.62
CA ALA B 639 -25.42 14.25 7.87
C ALA B 639 -25.26 12.74 7.72
N LEU B 640 -26.35 12.02 7.50
CA LEU B 640 -26.30 10.60 7.12
C LEU B 640 -26.84 10.46 5.71
N ALA B 641 -26.22 9.58 4.92
CA ALA B 641 -26.77 9.05 3.66
C ALA B 641 -27.17 7.60 3.90
N VAL B 642 -28.47 7.31 3.77
CA VAL B 642 -29.05 6.02 4.17
C VAL B 642 -29.58 5.33 2.91
N ALA B 643 -28.90 4.29 2.44
CA ALA B 643 -29.19 3.59 1.16
C ALA B 643 -30.01 2.35 1.49
N LEU B 644 -31.32 2.41 1.33
CA LEU B 644 -32.20 1.32 1.81
C LEU B 644 -32.11 0.14 0.83
N THR B 645 -32.14 -1.06 1.37
CA THR B 645 -32.45 -2.26 0.57
C THR B 645 -33.91 -2.18 0.15
N LYS B 646 -34.29 -2.98 -0.84
CA LYS B 646 -35.72 -3.16 -1.19
C LYS B 646 -36.53 -3.41 0.09
N GLY B 647 -36.01 -4.23 1.01
CA GLY B 647 -36.65 -4.58 2.30
C GLY B 647 -36.58 -3.48 3.35
N GLY B 648 -36.06 -2.30 3.03
CA GLY B 648 -36.06 -1.16 3.97
C GLY B 648 -34.94 -1.21 5.00
N GLU B 649 -33.84 -1.92 4.73
CA GLU B 649 -32.78 -2.05 5.75
C GLU B 649 -31.50 -1.34 5.32
N ALA B 650 -30.73 -0.89 6.31
CA ALA B 650 -29.37 -0.36 6.07
C ALA B 650 -28.62 -0.32 7.39
N ARG B 651 -27.29 -0.37 7.31
CA ARG B 651 -26.42 -0.29 8.51
C ARG B 651 -25.17 0.51 8.15
N GLY B 652 -24.63 1.25 9.12
CA GLY B 652 -23.35 1.95 8.95
C GLY B 652 -22.76 2.31 10.27
N GLU B 653 -21.64 3.02 10.25
CA GLU B 653 -21.00 3.34 11.52
C GLU B 653 -20.18 4.62 11.40
N LEU B 654 -19.84 5.16 12.57
CA LEU B 654 -18.95 6.34 12.68
C LEU B 654 -17.98 6.09 13.82
N PHE B 655 -16.71 6.30 13.54
CA PHE B 655 -15.63 6.32 14.55
C PHE B 655 -15.17 7.77 14.66
N TRP B 656 -15.07 8.30 15.87
CA TRP B 656 -14.63 9.70 16.04
C TRP B 656 -13.69 9.79 17.24
N ASP B 657 -12.57 10.49 17.07
CA ASP B 657 -11.66 10.81 18.20
C ASP B 657 -11.18 12.26 17.96
N ASP B 658 -10.09 12.67 18.61
CA ASP B 658 -9.63 14.06 18.51
C ASP B 658 -8.81 14.26 17.24
N GLY B 659 -8.63 13.21 16.42
CA GLY B 659 -7.98 13.36 15.12
C GLY B 659 -6.47 13.25 15.14
N GLU B 660 -5.79 13.25 16.31
CA GLU B 660 -4.31 13.23 16.28
C GLU B 660 -3.60 12.64 17.49
N SER B 661 -4.29 12.38 18.62
CA SER B 661 -3.61 11.82 19.81
C SER B 661 -3.11 10.39 19.59
N LEU B 662 -2.06 10.05 20.31
CA LEU B 662 -1.57 8.65 20.43
C LEU B 662 -2.45 7.87 21.42
N GLU B 663 -2.52 6.57 21.23
CA GLU B 663 -3.01 5.55 22.20
C GLU B 663 -4.50 5.78 22.45
N VAL B 664 -5.20 6.30 21.45
CA VAL B 664 -6.66 6.61 21.58
C VAL B 664 -7.44 5.32 21.92
N LEU B 665 -7.19 4.22 21.21
CA LEU B 665 -8.02 3.00 21.40
C LEU B 665 -7.68 2.39 22.76
N GLU B 666 -6.42 2.40 23.15
CA GLU B 666 -5.97 1.87 24.46
C GLU B 666 -6.58 2.70 25.59
N ARG B 667 -6.69 4.03 25.44
CA ARG B 667 -7.17 4.96 26.49
C ARG B 667 -8.71 5.08 26.45
N GLY B 668 -9.34 4.57 25.40
CA GLY B 668 -10.79 4.65 25.20
C GLY B 668 -11.26 6.05 24.84
N ALA B 669 -10.41 6.90 24.25
CA ALA B 669 -10.66 8.34 24.03
C ALA B 669 -11.33 8.54 22.66
N TYR B 670 -12.47 7.88 22.43
CA TYR B 670 -13.18 7.92 21.14
C TYR B 670 -14.67 7.65 21.38
N THR B 671 -15.44 8.01 20.37
CA THR B 671 -16.89 7.71 20.23
C THR B 671 -17.06 6.78 19.05
N GLN B 672 -17.89 5.77 19.20
CA GLN B 672 -18.21 4.78 18.15
CA GLN B 672 -18.21 4.80 18.14
C GLN B 672 -19.72 4.60 18.14
N VAL B 673 -20.33 4.84 16.99
CA VAL B 673 -21.80 4.84 16.84
C VAL B 673 -22.14 3.94 15.66
N ILE B 674 -23.17 3.14 15.82
CA ILE B 674 -23.75 2.36 14.70
C ILE B 674 -25.09 2.99 14.30
N PHE B 675 -25.38 3.05 13.00
CA PHE B 675 -26.66 3.53 12.44
C PHE B 675 -27.39 2.33 11.85
N LEU B 676 -28.69 2.21 12.14
CA LEU B 676 -29.54 1.10 11.62
C LEU B 676 -30.83 1.67 11.06
N ALA B 677 -31.17 1.30 9.83
CA ALA B 677 -32.46 1.60 9.18
C ALA B 677 -33.23 0.27 9.13
N ARG B 678 -34.49 0.27 9.57
CA ARG B 678 -35.38 -0.92 9.57
C ARG B 678 -36.82 -0.40 9.66
N ASN B 679 -37.71 -0.88 8.81
CA ASN B 679 -39.17 -0.67 9.00
C ASN B 679 -39.47 0.83 9.10
N ASN B 680 -38.96 1.65 8.18
CA ASN B 680 -39.25 3.10 8.07
C ASN B 680 -38.78 3.82 9.34
N THR B 681 -37.73 3.31 9.99
CA THR B 681 -37.08 4.03 11.13
C THR B 681 -35.56 4.04 10.90
N ILE B 682 -34.91 5.06 11.45
CA ILE B 682 -33.42 5.17 11.55
C ILE B 682 -33.10 5.46 13.01
N VAL B 683 -32.20 4.68 13.59
CA VAL B 683 -31.71 4.83 14.99
C VAL B 683 -30.20 4.79 14.97
N ASN B 684 -29.62 5.28 16.06
CA ASN B 684 -28.21 5.05 16.39
C ASN B 684 -28.12 4.09 17.57
N GLU B 685 -27.04 3.33 17.61
CA GLU B 685 -26.68 2.42 18.71
C GLU B 685 -25.34 2.88 19.21
N LEU B 686 -25.27 3.19 20.49
CA LEU B 686 -24.11 3.85 21.11
C LEU B 686 -23.15 2.77 21.60
N VAL B 687 -22.12 2.47 20.82
CA VAL B 687 -21.09 1.49 21.23
C VAL B 687 -20.20 2.15 22.29
N ARG B 688 -19.76 3.37 22.07
CA ARG B 688 -18.95 4.06 23.09
C ARG B 688 -19.17 5.54 22.89
N VAL B 689 -19.38 6.26 23.98
CA VAL B 689 -19.55 7.72 23.90
C VAL B 689 -18.62 8.33 24.94
N THR B 690 -17.75 9.23 24.50
CA THR B 690 -16.82 9.97 25.37
C THR B 690 -16.87 11.43 24.95
N SER B 691 -16.13 12.27 25.66
CA SER B 691 -16.07 13.74 25.41
C SER B 691 -15.68 14.02 23.96
N GLU B 692 -14.81 13.19 23.35
CA GLU B 692 -14.45 13.35 21.92
C GLU B 692 -15.58 12.67 21.14
N GLY B 693 -16.50 13.45 20.63
CA GLY B 693 -17.67 12.90 19.91
C GLY B 693 -18.99 13.34 20.49
N ALA B 694 -19.01 13.84 21.72
CA ALA B 694 -20.27 14.02 22.48
C ALA B 694 -21.15 15.07 21.78
N GLY B 695 -20.56 16.23 21.40
CA GLY B 695 -21.29 17.37 20.83
C GLY B 695 -21.38 17.32 19.32
N LEU B 696 -21.20 16.16 18.69
CA LEU B 696 -21.35 16.06 17.21
C LEU B 696 -22.83 16.24 16.88
N GLN B 697 -23.11 17.23 16.04
CA GLN B 697 -24.49 17.62 15.63
C GLN B 697 -24.86 16.85 14.36
N LEU B 698 -26.01 16.19 14.39
CA LEU B 698 -26.60 15.60 13.16
C LEU B 698 -27.71 16.50 12.69
N GLN B 699 -27.61 17.08 11.49
CA GLN B 699 -28.62 18.09 11.05
CA GLN B 699 -28.61 18.10 11.05
C GLN B 699 -29.36 17.65 9.79
N LYS B 700 -28.94 16.55 9.15
CA LYS B 700 -29.57 16.14 7.87
C LYS B 700 -29.50 14.63 7.72
N VAL B 701 -30.63 14.04 7.35
CA VAL B 701 -30.74 12.59 7.07
C VAL B 701 -31.35 12.45 5.67
N THR B 702 -30.58 11.88 4.75
CA THR B 702 -31.03 11.68 3.35
C THR B 702 -31.25 10.17 3.15
N VAL B 703 -32.46 9.78 2.79
CA VAL B 703 -32.85 8.34 2.68
C VAL B 703 -33.10 8.05 1.19
N LEU B 704 -32.37 7.06 0.65
CA LEU B 704 -32.44 6.69 -0.77
C LEU B 704 -33.26 5.39 -0.88
N GLY B 705 -34.09 5.28 -1.93
CA GLY B 705 -34.95 4.10 -2.15
C GLY B 705 -36.26 4.16 -1.37
N VAL B 706 -36.83 5.36 -1.18
CA VAL B 706 -38.14 5.53 -0.49
C VAL B 706 -39.20 5.55 -1.60
N ALA B 707 -39.93 4.45 -1.73
CA ALA B 707 -40.79 4.13 -2.89
C ALA B 707 -41.99 5.11 -2.95
N THR B 708 -42.54 5.55 -1.82
CA THR B 708 -43.71 6.47 -1.83
C THR B 708 -43.50 7.64 -0.86
N ALA B 709 -44.01 8.81 -1.27
CA ALA B 709 -43.99 10.07 -0.48
C ALA B 709 -44.55 9.77 0.90
N PRO B 710 -43.83 10.07 2.00
CA PRO B 710 -44.40 9.90 3.33
C PRO B 710 -45.46 10.98 3.59
N GLN B 711 -46.44 10.64 4.43
CA GLN B 711 -47.47 11.59 4.93
C GLN B 711 -46.84 12.37 6.08
N GLN B 712 -46.03 11.72 6.91
CA GLN B 712 -45.38 12.42 8.04
C GLN B 712 -43.96 11.89 8.25
N VAL B 713 -43.08 12.77 8.72
CA VAL B 713 -41.69 12.42 9.15
C VAL B 713 -41.52 12.92 10.58
N LEU B 714 -41.14 12.02 11.48
CA LEU B 714 -40.95 12.29 12.93
C LEU B 714 -39.47 12.22 13.25
N SER B 715 -39.03 13.08 14.14
CA SER B 715 -37.74 12.98 14.84
C SER B 715 -38.03 12.98 16.33
N ASN B 716 -37.66 11.91 17.02
CA ASN B 716 -37.94 11.64 18.44
C ASN B 716 -39.43 11.90 18.73
N GLY B 717 -40.32 11.49 17.82
CA GLY B 717 -41.77 11.48 18.10
C GLY B 717 -42.44 12.77 17.72
N VAL B 718 -41.71 13.78 17.25
CA VAL B 718 -42.30 15.08 16.86
C VAL B 718 -42.06 15.32 15.38
N PRO B 719 -43.09 15.82 14.67
CA PRO B 719 -42.97 16.14 13.25
C PRO B 719 -41.78 17.04 12.99
N VAL B 720 -40.94 16.70 12.02
CA VAL B 720 -39.68 17.46 11.77
C VAL B 720 -40.05 18.85 11.24
N SER B 721 -39.13 19.81 11.41
CA SER B 721 -39.28 21.20 10.94
C SER B 721 -39.57 21.17 9.43
N ASN B 722 -38.88 20.30 8.70
CA ASN B 722 -38.87 20.37 7.22
C ASN B 722 -38.30 19.07 6.62
N PHE B 723 -38.88 18.62 5.51
CA PHE B 723 -38.39 17.48 4.72
C PHE B 723 -38.80 17.71 3.27
N THR B 724 -38.09 17.11 2.32
CA THR B 724 -38.51 17.10 0.90
C THR B 724 -38.47 15.65 0.42
N TYR B 725 -39.40 15.29 -0.43
CA TYR B 725 -39.45 13.98 -1.10
C TYR B 725 -39.48 14.24 -2.61
N SER B 726 -38.62 13.55 -3.35
CA SER B 726 -38.56 13.64 -4.83
C SER B 726 -39.09 12.34 -5.40
N PRO B 727 -40.31 12.32 -6.00
CA PRO B 727 -40.88 11.10 -6.57
C PRO B 727 -40.06 10.50 -7.72
N ASP B 728 -39.36 11.36 -8.46
CA ASP B 728 -38.52 10.98 -9.62
C ASP B 728 -37.27 10.22 -9.13
N THR B 729 -36.63 10.64 -8.02
CA THR B 729 -35.34 10.03 -7.56
C THR B 729 -35.57 9.10 -6.36
N LYS B 730 -36.75 9.14 -5.75
CA LYS B 730 -37.14 8.31 -4.58
C LYS B 730 -36.26 8.66 -3.36
N VAL B 731 -35.94 9.94 -3.22
CA VAL B 731 -35.07 10.44 -2.12
C VAL B 731 -35.94 11.25 -1.15
N LEU B 732 -35.84 10.91 0.13
CA LEU B 732 -36.43 11.62 1.28
C LEU B 732 -35.31 12.38 2.01
N ASP B 733 -35.33 13.71 1.95
CA ASP B 733 -34.29 14.59 2.55
C ASP B 733 -34.90 15.23 3.82
N ILE B 734 -34.31 14.99 4.99
CA ILE B 734 -34.94 15.32 6.30
C ILE B 734 -34.01 16.27 7.06
N VAL B 736 -33.00 17.78 10.64
CA VAL B 736 -33.08 17.35 12.04
C VAL B 736 -32.09 18.18 12.87
N SER B 737 -32.27 18.06 14.18
CA SER B 737 -31.44 18.69 15.23
CA SER B 737 -31.41 18.68 15.20
C SER B 737 -31.11 17.64 16.29
N LEU B 738 -30.14 16.76 16.00
CA LEU B 738 -29.84 15.59 16.84
C LEU B 738 -28.34 15.58 17.14
N LEU B 739 -27.95 14.71 18.06
CA LEU B 739 -26.56 14.54 18.50
C LEU B 739 -26.16 13.10 18.19
N MET B 740 -25.00 12.92 17.56
CA MET B 740 -24.52 11.56 17.24
C MET B 740 -24.45 10.70 18.50
N GLY B 741 -24.10 11.32 19.64
CA GLY B 741 -23.81 10.63 20.91
C GLY B 741 -25.03 10.45 21.80
N GLU B 742 -26.23 10.79 21.34
CA GLU B 742 -27.48 10.56 22.10
C GLU B 742 -28.50 9.79 21.26
N GLN B 743 -29.14 8.79 21.88
CA GLN B 743 -30.08 7.90 21.17
C GLN B 743 -31.18 8.74 20.55
N PHE B 744 -31.45 8.52 19.27
CA PHE B 744 -32.52 9.17 18.50
C PHE B 744 -33.31 8.11 17.75
N LEU B 745 -34.50 8.49 17.30
CA LEU B 745 -35.34 7.65 16.40
C LEU B 745 -35.98 8.60 15.40
N VAL B 746 -35.65 8.41 14.12
CA VAL B 746 -36.28 9.14 12.99
C VAL B 746 -37.22 8.16 12.29
N SER B 747 -38.45 8.57 11.98
CA SER B 747 -39.44 7.63 11.38
C SER B 747 -40.25 8.36 10.32
N TRP B 748 -40.81 7.62 9.38
CA TRP B 748 -41.65 8.20 8.32
C TRP B 748 -42.74 7.19 7.99
N CYS B 749 -43.86 7.65 7.42
CA CYS B 749 -44.96 6.77 6.97
C CYS B 749 -45.86 7.54 6.01
#